data_3UN1
#
_entry.id   3UN1
#
_cell.length_a   84.225
_cell.length_b   84.225
_cell.length_c   249.238
_cell.angle_alpha   90.00
_cell.angle_beta   90.00
_cell.angle_gamma   120.00
#
_symmetry.space_group_name_H-M   'P 32 2 1'
#
loop_
_entity.id
_entity.type
_entity.pdbx_description
1 polymer 'Probable oxidoreductase'
2 non-polymer 'PHOSPHATE ION'
3 water water
#
_entity_poly.entity_id   1
_entity_poly.type   'polypeptide(L)'
_entity_poly.pdbx_seq_one_letter_code
;(MSE)HHHHHHSSGVDLGTENLYFQS(MSE)(MSE)RNQQKVVVITGASQGIGAGLVRAYRDRNYRVVATSRSIKPSADP
DIHTVAGDISKPETADRIVREGIERFGRIDSLVNNAGVFLAKPFVE(MSE)TQEDYDHNLGVNVAGFFHITQRAAAE
(MSE)LKQGSGHIVSITTSLVDQP(MSE)VG(MSE)PSALASLTKGGLNAVTRSLA(MSE)EFSRSGVRVNAVSPGVIKT
P(MSE)HPAETHSTLAGLHPVGR(MSE)GEIRDVVDAVLYLEHAGFITGEILHVDGGQNAGRW
;
_entity_poly.pdbx_strand_id   A,B,C,D
#
# COMPACT_ATOMS: atom_id res chain seq x y z
N PHE A 20 2.82 -6.46 -48.21
CA PHE A 20 3.42 -6.71 -46.86
C PHE A 20 2.90 -5.74 -45.81
N GLN A 21 2.92 -4.44 -46.17
CA GLN A 21 2.21 -3.46 -45.36
C GLN A 21 0.70 -3.81 -45.30
N SER A 22 0.10 -4.25 -46.41
CA SER A 22 -1.33 -4.72 -46.43
C SER A 22 -1.57 -5.96 -45.54
N ARG A 25 -1.43 -4.74 -41.85
CA ARG A 25 -2.77 -4.16 -41.51
C ARG A 25 -3.84 -5.21 -41.16
N ASN A 26 -4.07 -6.15 -42.08
CA ASN A 26 -5.05 -7.22 -41.89
C ASN A 26 -4.70 -8.18 -40.73
N GLN A 27 -3.51 -8.00 -40.13
CA GLN A 27 -3.05 -8.73 -38.91
C GLN A 27 -2.45 -7.73 -37.87
N GLN A 28 -3.34 -6.92 -37.30
CA GLN A 28 -2.95 -5.91 -36.35
C GLN A 28 -3.49 -6.35 -35.01
N LYS A 29 -2.95 -5.82 -33.95
CA LYS A 29 -3.45 -6.14 -32.63
C LYS A 29 -4.89 -5.68 -32.50
N VAL A 30 -5.64 -6.38 -31.67
CA VAL A 30 -7.05 -6.09 -31.49
C VAL A 30 -7.34 -5.79 -30.01
N VAL A 31 -8.00 -4.66 -29.77
CA VAL A 31 -8.44 -4.33 -28.43
C VAL A 31 -9.93 -4.24 -28.37
N VAL A 32 -10.50 -4.80 -27.30
CA VAL A 32 -11.85 -4.53 -26.90
C VAL A 32 -11.83 -3.36 -25.88
N ILE A 33 -12.59 -2.29 -26.14
CA ILE A 33 -12.73 -1.20 -25.22
C ILE A 33 -14.18 -1.09 -24.75
N THR A 34 -14.42 -1.22 -23.43
CA THR A 34 -15.78 -1.06 -22.95
C THR A 34 -16.04 0.40 -22.58
N GLY A 35 -17.31 0.73 -22.37
CA GLY A 35 -17.73 2.15 -22.21
C GLY A 35 -17.09 3.09 -23.23
N ALA A 36 -17.22 2.77 -24.52
CA ALA A 36 -16.48 3.43 -25.60
C ALA A 36 -17.10 4.66 -26.26
N SER A 37 -18.35 4.95 -25.94
CA SER A 37 -19.11 6.06 -26.56
C SER A 37 -18.60 7.52 -26.44
N GLN A 38 -18.06 7.87 -25.27
CA GLN A 38 -17.74 9.28 -25.00
C GLN A 38 -16.59 9.34 -23.97
N GLY A 39 -16.21 10.55 -23.56
CA GLY A 39 -15.16 10.76 -22.60
C GLY A 39 -13.92 9.92 -22.79
N ILE A 40 -13.46 9.35 -21.68
CA ILE A 40 -12.28 8.51 -21.65
C ILE A 40 -12.30 7.40 -22.67
N GLY A 41 -13.42 6.71 -22.80
CA GLY A 41 -13.45 5.54 -23.71
C GLY A 41 -13.25 5.93 -25.17
N ALA A 42 -14.04 6.90 -25.63
CA ALA A 42 -13.91 7.35 -27.00
C ALA A 42 -12.45 7.84 -27.31
N GLY A 43 -11.77 8.35 -26.29
CA GLY A 43 -10.38 8.75 -26.40
C GLY A 43 -9.39 7.60 -26.52
N LEU A 44 -9.70 6.50 -25.84
CA LEU A 44 -8.90 5.30 -25.93
C LEU A 44 -9.04 4.68 -27.31
N VAL A 45 -10.27 4.65 -27.84
CA VAL A 45 -10.50 4.18 -29.23
C VAL A 45 -9.60 4.94 -30.18
N ARG A 46 -9.70 6.25 -30.19
CA ARG A 46 -8.85 7.00 -31.09
C ARG A 46 -7.36 6.78 -30.85
N ALA A 47 -6.93 6.80 -29.59
CA ALA A 47 -5.53 6.56 -29.31
C ALA A 47 -5.10 5.14 -29.78
N TYR A 48 -5.89 4.11 -29.53
CA TYR A 48 -5.53 2.80 -30.05
C TYR A 48 -5.47 2.73 -31.57
N ARG A 49 -6.41 3.39 -32.24
CA ARG A 49 -6.33 3.50 -33.68
C ARG A 49 -5.01 4.17 -34.15
N ASP A 50 -4.54 5.19 -33.42
CA ASP A 50 -3.32 5.94 -33.76
C ASP A 50 -2.06 5.13 -33.66
N ARG A 51 -2.08 4.05 -32.88
CA ARG A 51 -0.98 3.10 -32.79
C ARG A 51 -1.35 1.86 -33.58
N ASN A 52 -2.32 1.99 -34.48
CA ASN A 52 -2.57 0.91 -35.41
C ASN A 52 -3.04 -0.39 -34.75
N TYR A 53 -3.88 -0.30 -33.72
CA TYR A 53 -4.69 -1.43 -33.33
C TYR A 53 -6.00 -1.38 -34.10
N ARG A 54 -6.62 -2.54 -34.23
CA ARG A 54 -8.02 -2.61 -34.58
C ARG A 54 -8.79 -2.66 -33.29
N VAL A 55 -10.05 -2.23 -33.34
CA VAL A 55 -10.78 -1.94 -32.10
C VAL A 55 -12.18 -2.45 -32.17
N VAL A 56 -12.56 -3.24 -31.16
CA VAL A 56 -13.96 -3.55 -30.93
C VAL A 56 -14.45 -2.63 -29.81
N ALA A 57 -15.20 -1.59 -30.16
CA ALA A 57 -15.70 -0.60 -29.21
C ALA A 57 -17.11 -1.00 -28.79
N THR A 58 -17.35 -1.14 -27.47
CA THR A 58 -18.73 -1.39 -26.95
C THR A 58 -19.24 -0.32 -25.98
N SER A 59 -20.55 -0.14 -26.01
CA SER A 59 -21.26 0.81 -25.16
C SER A 59 -22.72 0.38 -25.20
N ARG A 60 -23.51 0.90 -24.26
CA ARG A 60 -24.96 0.65 -24.24
C ARG A 60 -25.60 1.05 -25.58
N SER A 61 -25.10 2.11 -26.19
CA SER A 61 -25.72 2.55 -27.43
C SER A 61 -24.78 3.18 -28.48
N ILE A 62 -23.61 2.59 -28.65
CA ILE A 62 -22.64 3.08 -29.60
C ILE A 62 -23.18 2.96 -31.03
N LYS A 63 -23.05 4.02 -31.84
CA LYS A 63 -23.48 3.93 -33.26
C LYS A 63 -22.34 3.32 -34.10
N PRO A 64 -22.66 2.57 -35.18
CA PRO A 64 -21.55 1.98 -35.96
C PRO A 64 -20.60 3.04 -36.54
N SER A 65 -19.36 2.65 -36.80
CA SER A 65 -18.36 3.60 -37.24
C SER A 65 -18.15 3.54 -38.75
N ALA A 66 -17.66 4.64 -39.30
CA ALA A 66 -17.28 4.71 -40.70
C ALA A 66 -15.86 4.17 -40.95
N ASP A 67 -15.07 4.01 -39.89
CA ASP A 67 -13.73 3.39 -39.94
C ASP A 67 -13.86 1.85 -40.02
N PRO A 68 -13.38 1.22 -41.11
CA PRO A 68 -13.51 -0.26 -41.14
C PRO A 68 -12.69 -0.98 -40.05
N ASP A 69 -11.66 -0.35 -39.48
CA ASP A 69 -10.98 -1.00 -38.37
C ASP A 69 -11.51 -0.73 -36.94
N ILE A 70 -12.74 -0.21 -36.86
CA ILE A 70 -13.52 -0.15 -35.60
C ILE A 70 -14.78 -0.95 -35.79
N HIS A 71 -14.88 -2.06 -35.08
CA HIS A 71 -16.14 -2.71 -35.00
C HIS A 71 -16.88 -2.27 -33.71
N THR A 72 -18.14 -1.88 -33.88
CA THR A 72 -19.07 -1.40 -32.86
C THR A 72 -20.04 -2.49 -32.39
N VAL A 73 -20.29 -2.62 -31.09
CA VAL A 73 -21.26 -3.62 -30.57
C VAL A 73 -22.07 -2.97 -29.44
N ALA A 74 -23.37 -2.85 -29.61
CA ALA A 74 -24.20 -2.10 -28.66
C ALA A 74 -24.72 -3.17 -27.75
N GLY A 75 -24.74 -2.93 -26.45
CA GLY A 75 -25.30 -3.93 -25.54
C GLY A 75 -25.09 -3.56 -24.09
N ASP A 76 -25.83 -4.23 -23.21
CA ASP A 76 -25.67 -4.08 -21.76
C ASP A 76 -24.47 -4.93 -21.29
N ILE A 77 -23.37 -4.26 -20.93
CA ILE A 77 -22.11 -4.92 -20.57
C ILE A 77 -22.27 -5.78 -19.32
N SER A 78 -23.31 -5.57 -18.55
CA SER A 78 -23.50 -6.36 -17.36
C SER A 78 -24.09 -7.78 -17.61
N LYS A 79 -24.49 -8.05 -18.87
CA LYS A 79 -25.08 -9.34 -19.23
C LYS A 79 -24.04 -10.24 -19.91
N PRO A 80 -23.92 -11.51 -19.43
CA PRO A 80 -23.12 -12.60 -20.03
C PRO A 80 -23.24 -12.71 -21.57
N GLU A 81 -24.43 -12.45 -22.06
CA GLU A 81 -24.71 -12.62 -23.46
C GLU A 81 -24.00 -11.58 -24.32
N THR A 82 -23.78 -10.40 -23.74
CA THR A 82 -23.12 -9.28 -24.44
C THR A 82 -21.64 -9.54 -24.55
N ALA A 83 -21.07 -10.00 -23.46
CA ALA A 83 -19.68 -10.44 -23.42
C ALA A 83 -19.42 -11.48 -24.50
N ASP A 84 -20.31 -12.47 -24.63
CA ASP A 84 -20.22 -13.49 -25.70
C ASP A 84 -20.16 -12.89 -27.07
N ARG A 85 -21.16 -12.04 -27.32
CA ARG A 85 -21.28 -11.35 -28.59
C ARG A 85 -20.03 -10.54 -28.94
N ILE A 86 -19.52 -9.82 -27.95
CA ILE A 86 -18.44 -8.90 -28.23
C ILE A 86 -17.30 -9.76 -28.78
N VAL A 87 -17.01 -10.87 -28.10
CA VAL A 87 -15.87 -11.67 -28.48
C VAL A 87 -16.14 -12.39 -29.80
N ARG A 88 -17.32 -12.99 -29.89
CA ARG A 88 -17.75 -13.66 -31.11
C ARG A 88 -17.53 -12.72 -32.31
N GLU A 89 -18.16 -11.53 -32.26
CA GLU A 89 -18.14 -10.64 -33.42
C GLU A 89 -16.73 -10.09 -33.57
N GLY A 90 -16.02 -9.96 -32.46
CA GLY A 90 -14.61 -9.59 -32.51
C GLY A 90 -13.79 -10.53 -33.35
N ILE A 91 -13.80 -11.80 -32.98
CA ILE A 91 -13.15 -12.89 -33.71
C ILE A 91 -13.59 -12.96 -35.18
N GLU A 92 -14.90 -12.96 -35.40
CA GLU A 92 -15.51 -13.01 -36.73
C GLU A 92 -14.93 -11.90 -37.61
N ARG A 93 -14.83 -10.69 -37.09
CA ARG A 93 -14.40 -9.58 -37.90
C ARG A 93 -12.85 -9.44 -38.01
N PHE A 94 -12.13 -9.68 -36.91
CA PHE A 94 -10.69 -9.45 -36.94
C PHE A 94 -9.85 -10.70 -36.69
N GLY A 95 -10.49 -11.82 -36.41
CA GLY A 95 -9.74 -13.06 -36.13
C GLY A 95 -8.97 -13.22 -34.81
N ARG A 96 -8.54 -12.12 -34.18
CA ARG A 96 -7.82 -12.22 -32.88
C ARG A 96 -8.33 -11.15 -31.88
N ILE A 97 -7.95 -11.31 -30.60
CA ILE A 97 -8.24 -10.39 -29.49
C ILE A 97 -6.96 -10.32 -28.64
N ASP A 98 -6.33 -9.15 -28.55
CA ASP A 98 -5.06 -9.04 -27.84
C ASP A 98 -5.14 -8.35 -26.48
N SER A 99 -6.13 -7.48 -26.32
CA SER A 99 -6.20 -6.52 -25.23
C SER A 99 -7.65 -6.14 -24.94
N LEU A 100 -7.86 -5.76 -23.71
CA LEU A 100 -9.16 -5.41 -23.21
C LEU A 100 -8.97 -4.24 -22.23
N VAL A 101 -9.76 -3.18 -22.40
CA VAL A 101 -9.79 -2.10 -21.45
C VAL A 101 -11.16 -2.08 -20.78
N ASN A 102 -11.19 -2.35 -19.49
CA ASN A 102 -12.48 -2.27 -18.80
C ASN A 102 -12.69 -0.81 -18.42
N ASN A 103 -13.38 -0.10 -19.29
CA ASN A 103 -13.62 1.30 -19.04
C ASN A 103 -15.06 1.57 -18.67
N ALA A 104 -15.97 0.62 -18.86
CA ALA A 104 -17.36 0.90 -18.51
C ALA A 104 -17.42 1.11 -17.00
N GLY A 105 -18.16 2.08 -16.53
CA GLY A 105 -18.17 2.34 -15.08
C GLY A 105 -19.24 3.35 -14.72
N VAL A 106 -19.86 3.16 -13.55
CA VAL A 106 -20.81 4.13 -13.02
C VAL A 106 -20.25 4.60 -11.71
N PHE A 107 -20.68 5.78 -11.27
CA PHE A 107 -20.18 6.40 -10.07
C PHE A 107 -21.29 7.13 -9.36
N LEU A 108 -21.39 6.90 -8.06
CA LEU A 108 -22.50 7.43 -7.37
C LEU A 108 -21.95 8.10 -6.12
N ALA A 109 -22.36 9.34 -5.83
CA ALA A 109 -22.00 9.94 -4.55
C ALA A 109 -23.22 10.04 -3.64
N LYS A 110 -23.19 9.33 -2.51
CA LYS A 110 -24.36 9.21 -1.67
C LYS A 110 -23.99 8.66 -0.31
N PRO A 111 -24.59 9.19 0.76
CA PRO A 111 -24.30 8.69 2.09
C PRO A 111 -24.68 7.25 2.10
N PHE A 112 -23.91 6.43 2.80
CA PHE A 112 -24.02 5.02 2.70
C PHE A 112 -25.36 4.54 3.28
N VAL A 113 -25.75 5.14 4.40
CA VAL A 113 -27.04 4.76 4.97
C VAL A 113 -28.26 5.13 4.13
N GLU A 114 -28.09 5.89 3.04
CA GLU A 114 -29.25 6.22 2.21
C GLU A 114 -29.26 5.45 0.90
N THR A 116 -29.95 2.76 -1.75
CA THR A 116 -31.05 1.82 -1.96
C THR A 116 -30.61 0.53 -2.60
N GLN A 117 -31.45 -0.49 -2.49
CA GLN A 117 -31.33 -1.67 -3.34
C GLN A 117 -31.08 -1.36 -4.84
N GLU A 118 -31.74 -0.33 -5.38
CA GLU A 118 -31.60 0.01 -6.79
C GLU A 118 -30.19 0.51 -7.04
N ASP A 119 -29.72 1.44 -6.17
CA ASP A 119 -28.31 1.87 -6.26
C ASP A 119 -27.34 0.67 -6.17
N TYR A 120 -27.58 -0.23 -5.24
CA TYR A 120 -26.69 -1.38 -5.09
C TYR A 120 -26.63 -2.20 -6.39
N ASP A 121 -27.79 -2.60 -6.92
CA ASP A 121 -27.85 -3.36 -8.19
C ASP A 121 -27.23 -2.67 -9.38
N HIS A 122 -27.41 -1.36 -9.45
CA HIS A 122 -26.85 -0.62 -10.55
C HIS A 122 -25.31 -0.70 -10.47
N ASN A 123 -24.73 -0.46 -9.28
CA ASN A 123 -23.27 -0.44 -9.21
C ASN A 123 -22.66 -1.80 -9.31
N LEU A 124 -23.28 -2.77 -8.63
CA LEU A 124 -22.80 -4.14 -8.74
C LEU A 124 -22.78 -4.52 -10.19
N GLY A 125 -23.88 -4.28 -10.89
CA GLY A 125 -24.01 -4.70 -12.30
C GLY A 125 -22.93 -4.18 -13.24
N VAL A 126 -22.87 -2.86 -13.40
CA VAL A 126 -21.94 -2.22 -14.33
C VAL A 126 -20.48 -2.41 -13.89
N ASN A 127 -20.20 -2.11 -12.61
CA ASN A 127 -18.86 -2.09 -12.12
C ASN A 127 -18.33 -3.51 -11.87
N VAL A 128 -19.13 -4.44 -11.40
CA VAL A 128 -18.57 -5.75 -11.13
C VAL A 128 -18.91 -6.81 -12.19
N ALA A 129 -20.19 -7.05 -12.43
CA ALA A 129 -20.56 -8.02 -13.46
C ALA A 129 -20.07 -7.53 -14.83
N GLY A 130 -20.17 -6.23 -15.06
CA GLY A 130 -19.67 -5.60 -16.28
C GLY A 130 -18.30 -6.13 -16.60
N PHE A 131 -17.35 -5.80 -15.70
CA PHE A 131 -15.95 -6.26 -15.69
C PHE A 131 -15.81 -7.79 -15.83
N PHE A 132 -16.66 -8.53 -15.11
CA PHE A 132 -16.37 -9.95 -14.85
C PHE A 132 -16.60 -10.82 -16.09
N HIS A 133 -17.69 -10.59 -16.79
CA HIS A 133 -18.02 -11.46 -17.92
C HIS A 133 -17.16 -11.27 -19.14
N ILE A 134 -16.93 -10.04 -19.53
CA ILE A 134 -16.11 -9.78 -20.70
C ILE A 134 -14.70 -10.20 -20.39
N THR A 135 -14.27 -10.00 -19.15
CA THR A 135 -12.91 -10.33 -18.77
C THR A 135 -12.66 -11.84 -18.81
N GLN A 136 -13.62 -12.61 -18.32
CA GLN A 136 -13.56 -14.01 -18.46
C GLN A 136 -13.43 -14.43 -19.93
N ARG A 137 -14.21 -13.84 -20.82
CA ARG A 137 -14.14 -14.29 -22.20
C ARG A 137 -12.94 -13.77 -22.93
N ALA A 138 -12.48 -12.55 -22.64
CA ALA A 138 -11.33 -12.07 -23.35
C ALA A 138 -10.12 -12.90 -22.90
N ALA A 139 -10.03 -13.18 -21.60
CA ALA A 139 -8.86 -13.94 -21.09
C ALA A 139 -8.77 -15.33 -21.66
N ALA A 140 -9.91 -15.96 -21.93
CA ALA A 140 -9.93 -17.31 -22.53
C ALA A 140 -9.19 -17.29 -23.87
N GLU A 141 -9.43 -16.27 -24.68
CA GLU A 141 -8.74 -16.10 -25.91
C GLU A 141 -7.28 -15.78 -25.71
N LEU A 143 -5.26 -16.44 -23.15
CA LEU A 143 -4.63 -17.65 -22.69
C LEU A 143 -4.40 -18.61 -23.83
N LYS A 144 -5.45 -18.88 -24.59
CA LYS A 144 -5.37 -19.77 -25.74
C LYS A 144 -4.17 -19.48 -26.64
N GLN A 145 -3.94 -18.21 -26.98
CA GLN A 145 -2.86 -17.78 -27.88
C GLN A 145 -1.56 -17.41 -27.13
N GLY A 146 -1.62 -17.50 -25.81
CA GLY A 146 -0.50 -17.16 -24.95
C GLY A 146 0.03 -15.73 -24.94
N SER A 147 -0.88 -14.75 -25.03
CA SER A 147 -0.46 -13.36 -24.76
C SER A 147 -1.62 -12.38 -24.79
N GLY A 148 -1.58 -11.44 -23.88
CA GLY A 148 -2.67 -10.52 -23.76
C GLY A 148 -2.36 -9.38 -22.85
N HIS A 149 -3.23 -8.39 -22.87
CA HIS A 149 -3.19 -7.30 -21.95
C HIS A 149 -4.61 -6.97 -21.54
N ILE A 150 -4.83 -6.98 -20.24
CA ILE A 150 -6.06 -6.54 -19.60
C ILE A 150 -5.76 -5.39 -18.65
N VAL A 151 -6.49 -4.29 -18.81
CA VAL A 151 -6.33 -3.03 -18.06
C VAL A 151 -7.72 -2.54 -17.61
N SER A 152 -7.85 -2.18 -16.35
CA SER A 152 -9.10 -1.64 -15.87
C SER A 152 -8.88 -0.27 -15.35
N ILE A 153 -9.90 0.55 -15.56
CA ILE A 153 -9.96 1.88 -15.05
C ILE A 153 -10.69 1.89 -13.71
N THR A 154 -10.03 2.40 -12.69
CA THR A 154 -10.54 2.32 -11.34
C THR A 154 -10.73 3.75 -10.76
N THR A 155 -10.45 4.01 -9.50
CA THR A 155 -10.47 5.40 -8.95
C THR A 155 -9.46 5.41 -7.87
N SER A 156 -8.82 6.54 -7.72
CA SER A 156 -8.01 6.78 -6.53
C SER A 156 -8.80 6.82 -5.20
N LEU A 157 -10.14 6.97 -5.25
CA LEU A 157 -10.99 6.79 -4.04
C LEU A 157 -10.86 5.39 -3.41
N VAL A 158 -10.47 4.40 -4.20
CA VAL A 158 -10.13 3.11 -3.64
C VAL A 158 -9.09 3.22 -2.55
N ASP A 159 -7.94 3.81 -2.89
CA ASP A 159 -6.83 3.82 -1.94
C ASP A 159 -6.82 5.03 -1.06
N GLN A 160 -7.41 6.14 -1.53
CA GLN A 160 -7.46 7.36 -0.76
C GLN A 160 -8.92 7.93 -0.76
N PRO A 161 -9.85 7.34 0.01
CA PRO A 161 -11.16 7.95 0.01
C PRO A 161 -11.14 9.31 0.76
N VAL A 163 -13.27 12.28 3.25
CA VAL A 163 -14.34 12.96 4.01
C VAL A 163 -15.03 13.97 3.11
N GLY A 164 -16.36 13.92 3.05
CA GLY A 164 -17.10 14.82 2.13
C GLY A 164 -17.32 14.27 0.72
N PRO A 166 -18.81 10.91 -0.06
CA PRO A 166 -19.25 9.59 0.37
C PRO A 166 -19.63 8.73 -0.84
N SER A 167 -18.99 7.57 -1.00
CA SER A 167 -19.17 6.74 -2.18
C SER A 167 -18.77 5.30 -1.87
N ALA A 168 -19.44 4.73 -0.88
CA ALA A 168 -19.15 3.36 -0.42
C ALA A 168 -19.20 2.36 -1.59
N LEU A 169 -20.18 2.50 -2.48
CA LEU A 169 -20.28 1.57 -3.61
C LEU A 169 -19.13 1.62 -4.57
N ALA A 170 -18.51 2.80 -4.74
CA ALA A 170 -17.37 2.93 -5.64
C ALA A 170 -16.18 2.21 -5.05
N SER A 171 -16.00 2.37 -3.74
CA SER A 171 -14.96 1.68 -3.05
C SER A 171 -15.14 0.17 -3.11
N LEU A 172 -16.33 -0.31 -2.75
CA LEU A 172 -16.63 -1.73 -2.84
C LEU A 172 -16.35 -2.29 -4.20
N THR A 173 -16.87 -1.65 -5.24
CA THR A 173 -16.87 -2.29 -6.53
C THR A 173 -15.50 -2.09 -7.19
N LYS A 174 -15.03 -0.84 -7.22
CA LYS A 174 -13.72 -0.53 -7.74
C LYS A 174 -12.58 -1.07 -6.88
N GLY A 175 -12.77 -1.16 -5.57
CA GLY A 175 -11.76 -1.78 -4.71
C GLY A 175 -11.62 -3.24 -5.10
N GLY A 176 -12.74 -3.88 -5.39
CA GLY A 176 -12.73 -5.19 -6.00
C GLY A 176 -11.88 -5.25 -7.24
N LEU A 177 -12.00 -4.29 -8.18
CA LEU A 177 -11.24 -4.40 -9.43
C LEU A 177 -9.76 -4.29 -9.19
N ASN A 178 -9.37 -3.44 -8.25
CA ASN A 178 -7.98 -3.32 -7.86
C ASN A 178 -7.40 -4.64 -7.38
N ALA A 179 -8.20 -5.41 -6.65
CA ALA A 179 -7.66 -6.57 -5.99
C ALA A 179 -7.57 -7.68 -7.02
N VAL A 180 -8.56 -7.75 -7.91
CA VAL A 180 -8.57 -8.84 -8.87
C VAL A 180 -7.58 -8.60 -9.94
N THR A 181 -7.28 -7.35 -10.18
CA THR A 181 -6.19 -7.02 -11.07
C THR A 181 -4.90 -7.65 -10.58
N ARG A 182 -4.57 -7.53 -9.29
CA ARG A 182 -3.39 -8.22 -8.79
C ARG A 182 -3.57 -9.76 -8.74
N SER A 183 -4.71 -10.24 -8.27
CA SER A 183 -5.01 -11.64 -8.32
C SER A 183 -4.77 -12.29 -9.69
N LEU A 184 -5.31 -11.67 -10.76
CA LEU A 184 -5.21 -12.25 -12.10
C LEU A 184 -3.82 -12.05 -12.69
N ALA A 185 -3.09 -11.03 -12.25
CA ALA A 185 -1.70 -10.89 -12.67
C ALA A 185 -0.84 -12.09 -12.17
N GLU A 187 -2.27 -15.28 -11.13
CA GLU A 187 -2.86 -16.41 -11.90
C GLU A 187 -2.35 -16.51 -13.35
N PHE A 188 -2.20 -15.38 -14.05
CA PHE A 188 -1.76 -15.38 -15.45
C PHE A 188 -0.28 -15.10 -15.69
N SER A 189 0.47 -14.96 -14.60
CA SER A 189 1.93 -14.87 -14.59
C SER A 189 2.71 -15.63 -15.65
N ARG A 190 2.43 -16.91 -15.76
CA ARG A 190 3.22 -17.74 -16.66
C ARG A 190 2.63 -17.80 -18.07
N SER A 191 1.47 -17.18 -18.29
CA SER A 191 0.78 -17.30 -19.57
C SER A 191 1.05 -16.25 -20.62
N GLY A 192 1.84 -15.24 -20.30
CA GLY A 192 2.03 -14.08 -21.20
C GLY A 192 0.89 -13.04 -21.18
N VAL A 193 -0.11 -13.24 -20.32
CA VAL A 193 -1.16 -12.25 -20.13
C VAL A 193 -0.85 -11.22 -19.02
N ARG A 194 -0.63 -9.95 -19.37
CA ARG A 194 -0.39 -8.92 -18.34
C ARG A 194 -1.74 -8.34 -17.92
N VAL A 195 -1.86 -7.98 -16.63
CA VAL A 195 -3.06 -7.48 -16.03
C VAL A 195 -2.73 -6.24 -15.19
N ASN A 196 -3.30 -5.09 -15.56
CA ASN A 196 -3.03 -3.79 -14.88
C ASN A 196 -4.26 -2.90 -14.65
N ALA A 197 -4.12 -1.87 -13.83
CA ALA A 197 -5.15 -0.89 -13.72
C ALA A 197 -4.58 0.50 -13.78
N VAL A 198 -5.44 1.43 -14.16
CA VAL A 198 -5.19 2.85 -14.11
C VAL A 198 -6.21 3.42 -13.13
N SER A 199 -5.72 4.18 -12.14
CA SER A 199 -6.61 4.71 -11.10
C SER A 199 -6.62 6.25 -11.17
N PRO A 200 -7.60 6.81 -11.86
CA PRO A 200 -7.56 8.25 -12.15
C PRO A 200 -8.06 9.06 -10.98
N GLY A 201 -7.62 10.32 -10.88
CA GLY A 201 -8.33 11.28 -10.07
C GLY A 201 -9.59 11.73 -10.79
N VAL A 202 -10.00 12.96 -10.48
CA VAL A 202 -11.23 13.51 -11.08
C VAL A 202 -10.89 14.12 -12.44
N ILE A 203 -11.42 13.52 -13.48
CA ILE A 203 -11.09 13.84 -14.86
C ILE A 203 -12.11 14.74 -15.52
N LYS A 204 -11.66 15.84 -16.09
CA LYS A 204 -12.50 16.78 -16.82
C LYS A 204 -13.22 16.11 -18.01
N THR A 205 -14.52 16.02 -17.90
CA THR A 205 -15.38 15.36 -18.86
C THR A 205 -16.56 16.35 -19.13
N PRO A 206 -17.21 16.28 -20.33
CA PRO A 206 -18.40 17.10 -20.63
C PRO A 206 -19.50 16.99 -19.56
N HIS A 208 -19.10 16.90 -16.52
CA HIS A 208 -18.80 17.77 -15.39
C HIS A 208 -18.97 19.23 -15.85
N PRO A 209 -20.12 19.85 -15.55
CA PRO A 209 -20.37 21.24 -15.99
C PRO A 209 -19.42 22.25 -15.36
N ALA A 210 -19.03 23.27 -16.14
CA ALA A 210 -18.13 24.38 -15.76
C ALA A 210 -18.21 24.94 -14.32
N GLU A 211 -19.45 25.04 -13.79
CA GLU A 211 -19.72 25.55 -12.42
C GLU A 211 -18.95 24.74 -11.37
N THR A 212 -18.70 23.47 -11.69
CA THR A 212 -18.10 22.55 -10.72
C THR A 212 -16.59 22.47 -10.81
N HIS A 213 -16.00 22.92 -11.93
CA HIS A 213 -14.55 22.81 -12.18
C HIS A 213 -13.57 23.37 -11.10
N SER A 214 -13.86 24.53 -10.50
CA SER A 214 -12.91 25.07 -9.52
C SER A 214 -12.97 24.27 -8.20
N THR A 215 -14.16 23.79 -7.86
CA THR A 215 -14.36 22.92 -6.70
C THR A 215 -13.69 21.56 -6.93
N LEU A 216 -13.87 21.01 -8.12
CA LEU A 216 -13.39 19.67 -8.39
C LEU A 216 -11.86 19.69 -8.47
N ALA A 217 -11.31 20.83 -8.90
CA ALA A 217 -9.86 21.04 -8.98
C ALA A 217 -9.15 20.92 -7.64
N GLY A 218 -9.76 21.45 -6.59
CA GLY A 218 -9.23 21.40 -5.20
C GLY A 218 -9.42 20.01 -4.63
N LEU A 219 -9.91 19.10 -5.45
CA LEU A 219 -9.92 17.74 -5.00
C LEU A 219 -8.59 17.05 -5.26
N HIS A 220 -7.57 17.78 -5.70
CA HIS A 220 -6.24 17.23 -5.97
C HIS A 220 -5.10 18.08 -5.32
N PRO A 221 -4.07 17.43 -4.73
CA PRO A 221 -2.98 18.24 -4.12
C PRO A 221 -2.42 19.30 -5.09
N VAL A 222 -2.35 18.93 -6.36
CA VAL A 222 -1.90 19.78 -7.41
C VAL A 222 -2.87 20.89 -7.86
N GLY A 223 -4.12 20.87 -7.38
CA GLY A 223 -5.05 21.97 -7.57
C GLY A 223 -5.61 22.13 -8.99
N ARG A 224 -5.51 21.09 -9.81
CA ARG A 224 -6.15 21.14 -11.11
C ARG A 224 -6.76 19.80 -11.41
N GLY A 226 -7.86 16.44 -13.81
CA GLY A 226 -7.18 15.56 -14.75
C GLY A 226 -7.80 15.81 -16.11
N GLU A 227 -7.13 15.35 -17.17
CA GLU A 227 -7.62 15.49 -18.52
C GLU A 227 -7.80 14.09 -19.08
N ILE A 228 -8.68 13.96 -20.06
CA ILE A 228 -8.79 12.74 -20.78
C ILE A 228 -7.41 12.27 -21.24
N ARG A 229 -6.58 13.17 -21.77
CA ARG A 229 -5.24 12.83 -22.34
C ARG A 229 -4.35 12.14 -21.31
N ASP A 230 -4.53 12.47 -20.02
CA ASP A 230 -3.70 11.91 -18.99
C ASP A 230 -3.98 10.40 -18.77
N VAL A 231 -5.22 10.04 -18.92
CA VAL A 231 -5.67 8.75 -18.49
C VAL A 231 -5.37 7.87 -19.67
N VAL A 232 -5.67 8.39 -20.87
CA VAL A 232 -5.45 7.71 -22.13
C VAL A 232 -3.97 7.31 -22.26
N ASP A 233 -3.05 8.25 -22.00
CA ASP A 233 -1.60 7.99 -22.13
C ASP A 233 -1.10 6.99 -21.12
N ALA A 234 -1.73 6.93 -19.94
CA ALA A 234 -1.39 5.91 -18.95
C ALA A 234 -1.73 4.51 -19.42
N VAL A 235 -2.88 4.36 -20.06
CA VAL A 235 -3.30 3.05 -20.55
C VAL A 235 -2.36 2.57 -21.69
N LEU A 236 -2.10 3.43 -22.65
CA LEU A 236 -1.17 3.15 -23.73
C LEU A 236 0.28 2.97 -23.28
N TYR A 237 0.69 3.67 -22.24
CA TYR A 237 1.95 3.36 -21.68
C TYR A 237 1.96 1.94 -21.06
N LEU A 238 0.93 1.54 -20.33
CA LEU A 238 0.82 0.16 -19.80
C LEU A 238 0.76 -0.85 -20.93
N GLU A 239 0.04 -0.53 -21.97
CA GLU A 239 -0.12 -1.39 -23.10
C GLU A 239 1.23 -1.83 -23.72
N HIS A 240 2.17 -0.89 -23.85
CA HIS A 240 3.45 -1.16 -24.47
C HIS A 240 4.56 -1.49 -23.44
N ALA A 241 4.20 -1.48 -22.15
CA ALA A 241 5.22 -1.75 -21.14
C ALA A 241 5.25 -3.24 -20.80
N GLY A 242 6.01 -3.99 -21.59
CA GLY A 242 6.01 -5.43 -21.57
C GLY A 242 6.52 -6.05 -20.29
N PHE A 243 7.05 -5.26 -19.38
CA PHE A 243 7.55 -5.79 -18.08
C PHE A 243 6.67 -5.45 -16.88
N ILE A 244 5.51 -4.80 -17.12
CA ILE A 244 4.57 -4.45 -16.03
C ILE A 244 3.37 -5.38 -15.99
N THR A 245 3.05 -5.93 -14.82
CA THR A 245 1.76 -6.65 -14.64
C THR A 245 1.41 -6.45 -13.19
N GLY A 246 0.11 -6.52 -12.90
CA GLY A 246 -0.37 -6.39 -11.54
C GLY A 246 -0.14 -5.02 -10.97
N GLU A 247 0.14 -4.04 -11.83
CA GLU A 247 0.41 -2.70 -11.35
C GLU A 247 -0.80 -1.79 -11.35
N ILE A 248 -0.90 -0.96 -10.31
CA ILE A 248 -1.95 0.06 -10.25
C ILE A 248 -1.31 1.43 -10.43
N LEU A 249 -1.57 2.12 -11.51
CA LEU A 249 -0.88 3.35 -11.76
C LEU A 249 -1.80 4.54 -11.51
N HIS A 250 -1.46 5.31 -10.50
CA HIS A 250 -2.34 6.35 -10.05
C HIS A 250 -2.02 7.56 -10.89
N VAL A 251 -3.06 8.12 -11.49
CA VAL A 251 -2.97 9.26 -12.41
C VAL A 251 -3.95 10.27 -11.82
N ASP A 252 -3.51 11.04 -10.84
CA ASP A 252 -4.47 11.56 -9.91
C ASP A 252 -4.02 12.85 -9.23
N GLY A 253 -3.02 13.53 -9.81
CA GLY A 253 -2.58 14.84 -9.32
C GLY A 253 -2.04 14.81 -7.89
N GLY A 254 -1.62 13.61 -7.43
CA GLY A 254 -1.09 13.38 -6.09
C GLY A 254 -2.08 12.87 -5.03
N GLN A 255 -3.37 12.75 -5.36
CA GLN A 255 -4.34 12.26 -4.41
C GLN A 255 -3.83 11.10 -3.56
N ASN A 256 -3.31 10.06 -4.21
CA ASN A 256 -2.90 8.86 -3.51
C ASN A 256 -1.67 9.06 -2.62
N ALA A 257 -0.89 10.10 -2.92
CA ALA A 257 0.37 10.27 -2.24
C ALA A 257 0.24 10.69 -0.78
N GLY A 258 -0.74 11.50 -0.43
CA GLY A 258 -0.81 12.06 0.92
C GLY A 258 -2.05 12.90 1.12
N ARG A 259 -2.13 13.60 2.24
CA ARG A 259 -3.27 14.41 2.58
C ARG A 259 -3.00 15.87 2.24
N TRP A 260 -3.95 16.47 1.56
CA TRP A 260 -3.92 17.87 1.28
C TRP A 260 -5.23 18.47 1.78
N ASN B 26 -29.88 -1.09 30.68
CA ASN B 26 -29.19 -1.85 29.57
C ASN B 26 -27.73 -1.38 29.40
N GLN B 27 -26.86 -1.64 30.38
CA GLN B 27 -25.53 -1.04 30.33
C GLN B 27 -24.50 -1.80 29.53
N GLN B 28 -24.80 -3.07 29.27
CA GLN B 28 -23.87 -3.93 28.54
C GLN B 28 -23.88 -3.57 27.06
N LYS B 29 -22.69 -3.49 26.47
CA LYS B 29 -22.63 -3.12 25.07
C LYS B 29 -23.12 -4.32 24.30
N VAL B 30 -23.56 -4.08 23.09
CA VAL B 30 -24.09 -5.17 22.32
C VAL B 30 -23.32 -5.31 21.02
N VAL B 31 -22.92 -6.55 20.71
CA VAL B 31 -22.31 -6.88 19.44
C VAL B 31 -23.15 -7.89 18.63
N VAL B 32 -23.23 -7.62 17.32
CA VAL B 32 -23.76 -8.53 16.32
C VAL B 32 -22.59 -9.24 15.64
N ILE B 33 -22.64 -10.57 15.63
CA ILE B 33 -21.61 -11.35 15.02
C ILE B 33 -22.23 -12.30 13.99
N THR B 34 -21.73 -12.17 12.78
CA THR B 34 -22.23 -12.82 11.61
C THR B 34 -21.36 -14.06 11.36
N GLY B 35 -21.90 -15.07 10.69
CA GLY B 35 -21.19 -16.32 10.56
C GLY B 35 -20.77 -16.82 11.94
N ALA B 36 -21.71 -16.88 12.86
CA ALA B 36 -21.35 -17.14 14.23
C ALA B 36 -21.14 -18.63 14.52
N SER B 37 -21.32 -19.50 13.54
CA SER B 37 -21.61 -20.87 13.97
C SER B 37 -20.39 -21.76 14.16
N GLN B 38 -19.57 -21.72 13.12
CA GLN B 38 -18.40 -22.52 13.11
C GLN B 38 -17.22 -21.54 13.13
N GLY B 39 -16.15 -21.93 13.79
CA GLY B 39 -14.81 -21.46 13.42
C GLY B 39 -14.43 -20.23 14.21
N ILE B 40 -14.09 -19.18 13.46
CA ILE B 40 -13.75 -17.90 14.10
C ILE B 40 -14.95 -17.42 14.87
N GLY B 41 -16.11 -17.42 14.23
CA GLY B 41 -17.34 -16.80 14.78
C GLY B 41 -17.76 -17.21 16.18
N ALA B 42 -17.60 -18.51 16.46
CA ALA B 42 -17.95 -19.07 17.77
C ALA B 42 -16.90 -18.68 18.81
N GLY B 43 -15.62 -18.76 18.42
CA GLY B 43 -14.53 -18.20 19.18
C GLY B 43 -14.90 -16.76 19.55
N LEU B 44 -15.47 -16.02 18.60
CA LEU B 44 -15.82 -14.61 18.80
C LEU B 44 -16.94 -14.31 19.80
N VAL B 45 -18.04 -15.06 19.69
CA VAL B 45 -19.09 -15.09 20.70
C VAL B 45 -18.51 -15.23 22.12
N ARG B 46 -17.66 -16.21 22.31
CA ARG B 46 -17.13 -16.49 23.61
C ARG B 46 -16.27 -15.37 24.10
N ALA B 47 -15.39 -14.85 23.23
CA ALA B 47 -14.52 -13.74 23.62
C ALA B 47 -15.32 -12.51 24.00
N TYR B 48 -16.42 -12.28 23.33
CA TYR B 48 -17.11 -11.05 23.61
C TYR B 48 -17.96 -11.20 24.81
N ARG B 49 -18.53 -12.39 24.99
CA ARG B 49 -19.18 -12.71 26.26
C ARG B 49 -18.21 -12.46 27.42
N ASP B 50 -17.01 -13.03 27.34
CA ASP B 50 -16.00 -12.84 28.42
C ASP B 50 -15.64 -11.40 28.68
N ARG B 51 -15.90 -10.52 27.73
CA ARG B 51 -15.68 -9.09 28.01
C ARG B 51 -16.98 -8.39 28.35
N ASN B 52 -17.98 -9.16 28.78
CA ASN B 52 -19.24 -8.56 29.22
C ASN B 52 -20.14 -7.93 28.14
N TYR B 53 -20.00 -8.34 26.89
CA TYR B 53 -20.96 -7.92 25.88
C TYR B 53 -22.13 -8.88 25.84
N ARG B 54 -23.32 -8.33 25.59
CA ARG B 54 -24.44 -9.14 25.10
C ARG B 54 -24.23 -9.38 23.61
N VAL B 55 -24.66 -10.53 23.10
CA VAL B 55 -24.39 -10.89 21.72
C VAL B 55 -25.64 -11.32 20.99
N VAL B 56 -25.85 -10.72 19.80
CA VAL B 56 -26.75 -11.24 18.76
C VAL B 56 -25.90 -12.01 17.77
N ALA B 57 -26.11 -13.33 17.72
CA ALA B 57 -25.32 -14.25 16.89
C ALA B 57 -26.13 -14.85 15.74
N THR B 58 -25.58 -14.85 14.53
CA THR B 58 -26.33 -15.37 13.34
C THR B 58 -25.48 -16.23 12.45
N SER B 59 -26.13 -17.15 11.74
CA SER B 59 -25.62 -17.90 10.60
C SER B 59 -26.80 -18.63 10.01
N ARG B 60 -26.59 -19.39 8.92
CA ARG B 60 -27.71 -20.15 8.30
C ARG B 60 -28.36 -21.10 9.24
N SER B 61 -27.60 -21.71 10.14
CA SER B 61 -28.08 -22.82 10.98
C SER B 61 -28.05 -22.59 12.49
N ILE B 62 -27.70 -21.40 12.95
CA ILE B 62 -27.48 -21.17 14.39
C ILE B 62 -28.69 -21.65 15.20
N LYS B 63 -28.46 -22.32 16.33
CA LYS B 63 -29.57 -22.75 17.22
C LYS B 63 -29.73 -21.83 18.41
N PRO B 64 -30.97 -21.68 18.94
CA PRO B 64 -31.18 -20.85 20.13
C PRO B 64 -30.23 -21.19 21.28
N SER B 65 -29.91 -20.20 22.13
CA SER B 65 -28.96 -20.37 23.22
C SER B 65 -29.69 -20.39 24.56
N ALA B 66 -29.12 -21.14 25.52
CA ALA B 66 -29.53 -21.06 26.92
C ALA B 66 -29.21 -19.68 27.51
N ASP B 67 -28.02 -19.18 27.17
CA ASP B 67 -27.55 -17.92 27.68
C ASP B 67 -28.52 -16.75 27.33
N PRO B 68 -29.13 -16.14 28.35
CA PRO B 68 -29.97 -14.94 28.20
C PRO B 68 -29.23 -13.76 27.56
N ASP B 69 -27.90 -13.81 27.58
CA ASP B 69 -27.13 -12.76 26.98
C ASP B 69 -26.66 -13.04 25.55
N ILE B 70 -26.99 -14.23 25.03
CA ILE B 70 -26.79 -14.53 23.62
C ILE B 70 -28.16 -14.77 22.96
N HIS B 71 -28.52 -13.95 21.99
CA HIS B 71 -29.73 -14.20 21.25
C HIS B 71 -29.31 -14.58 19.84
N THR B 72 -29.87 -15.67 19.34
CA THR B 72 -29.44 -16.23 18.06
C THR B 72 -30.46 -15.90 16.98
N VAL B 73 -30.04 -15.72 15.74
CA VAL B 73 -30.99 -15.45 14.67
C VAL B 73 -30.54 -16.30 13.52
N ALA B 74 -31.40 -17.18 13.03
CA ALA B 74 -31.01 -18.05 11.93
C ALA B 74 -31.49 -17.42 10.62
N GLY B 75 -30.62 -17.36 9.63
CA GLY B 75 -31.01 -16.83 8.35
C GLY B 75 -29.86 -16.62 7.40
N ASP B 76 -30.19 -16.44 6.14
CA ASP B 76 -29.26 -16.28 5.05
C ASP B 76 -28.91 -14.81 5.02
N ILE B 77 -27.65 -14.52 5.34
CA ILE B 77 -27.16 -13.15 5.48
C ILE B 77 -27.11 -12.38 4.11
N SER B 78 -27.14 -13.08 2.98
CA SER B 78 -27.30 -12.39 1.68
C SER B 78 -28.60 -11.61 1.55
N LYS B 79 -29.66 -12.00 2.26
CA LYS B 79 -30.97 -11.35 2.14
C LYS B 79 -31.18 -10.14 3.08
N PRO B 80 -31.72 -9.04 2.54
CA PRO B 80 -31.98 -7.86 3.38
C PRO B 80 -32.93 -8.16 4.53
N GLU B 81 -33.75 -9.19 4.38
CA GLU B 81 -34.67 -9.55 5.43
C GLU B 81 -34.00 -10.06 6.70
N THR B 82 -32.95 -10.88 6.53
CA THR B 82 -32.14 -11.36 7.63
C THR B 82 -31.53 -10.19 8.41
N ALA B 83 -30.83 -9.29 7.74
CA ALA B 83 -30.37 -8.06 8.42
C ALA B 83 -31.50 -7.36 9.17
N ASP B 84 -32.66 -7.24 8.57
CA ASP B 84 -33.77 -6.49 9.23
C ASP B 84 -34.18 -7.19 10.53
N ARG B 85 -34.26 -8.51 10.47
CA ARG B 85 -34.60 -9.30 11.65
C ARG B 85 -33.57 -9.12 12.75
N ILE B 86 -32.30 -9.19 12.36
CA ILE B 86 -31.20 -9.21 13.30
C ILE B 86 -31.18 -7.95 14.12
N VAL B 87 -31.29 -6.80 13.45
CA VAL B 87 -31.13 -5.56 14.15
C VAL B 87 -32.35 -5.34 15.04
N ARG B 88 -33.54 -5.56 14.50
CA ARG B 88 -34.73 -5.29 15.28
C ARG B 88 -34.89 -6.25 16.47
N GLU B 89 -34.55 -7.53 16.28
CA GLU B 89 -34.59 -8.50 17.37
C GLU B 89 -33.58 -8.11 18.43
N GLY B 90 -32.41 -7.61 18.00
CA GLY B 90 -31.39 -7.20 18.95
C GLY B 90 -31.75 -5.95 19.75
N ILE B 91 -32.27 -4.92 19.07
CA ILE B 91 -32.86 -3.78 19.76
C ILE B 91 -33.98 -4.19 20.72
N GLU B 92 -34.75 -5.25 20.42
CA GLU B 92 -35.86 -5.71 21.31
C GLU B 92 -35.37 -6.27 22.61
N ARG B 93 -34.48 -7.27 22.51
CA ARG B 93 -33.96 -7.95 23.68
C ARG B 93 -33.04 -7.06 24.51
N PHE B 94 -32.17 -6.29 23.86
CA PHE B 94 -31.00 -5.70 24.53
C PHE B 94 -31.01 -4.19 24.44
N GLY B 95 -31.92 -3.65 23.66
CA GLY B 95 -32.11 -2.21 23.70
C GLY B 95 -31.14 -1.34 22.94
N ARG B 96 -30.07 -1.92 22.38
CA ARG B 96 -29.09 -1.16 21.55
C ARG B 96 -28.17 -2.03 20.66
N ILE B 97 -27.47 -1.42 19.70
CA ILE B 97 -26.37 -2.09 18.98
C ILE B 97 -25.07 -1.24 19.14
N ASP B 98 -23.97 -1.83 19.60
CA ASP B 98 -22.67 -1.11 19.65
C ASP B 98 -21.65 -1.54 18.63
N SER B 99 -21.63 -2.82 18.27
CA SER B 99 -20.60 -3.36 17.36
C SER B 99 -21.17 -4.39 16.39
N LEU B 100 -20.50 -4.54 15.27
CA LEU B 100 -20.82 -5.49 14.24
C LEU B 100 -19.51 -6.15 13.82
N VAL B 101 -19.46 -7.48 13.78
CA VAL B 101 -18.30 -8.21 13.24
C VAL B 101 -18.81 -8.98 12.07
N ASN B 102 -18.44 -8.56 10.87
CA ASN B 102 -18.78 -9.25 9.64
C ASN B 102 -17.86 -10.43 9.44
N ASN B 103 -18.32 -11.61 9.84
CA ASN B 103 -17.49 -12.77 9.71
C ASN B 103 -18.05 -13.86 8.84
N ALA B 104 -19.23 -13.65 8.24
CA ALA B 104 -19.80 -14.62 7.34
C ALA B 104 -19.03 -14.43 6.07
N GLY B 105 -18.75 -15.49 5.36
CA GLY B 105 -17.85 -15.41 4.22
C GLY B 105 -17.69 -16.80 3.62
N VAL B 106 -17.37 -16.85 2.34
CA VAL B 106 -17.12 -18.06 1.64
C VAL B 106 -15.82 -17.87 0.84
N PHE B 107 -15.30 -18.94 0.29
CA PHE B 107 -14.02 -18.93 -0.36
C PHE B 107 -14.02 -20.02 -1.39
N LEU B 108 -13.55 -19.72 -2.59
CA LEU B 108 -13.60 -20.66 -3.68
C LEU B 108 -12.24 -20.62 -4.37
N ALA B 109 -11.50 -21.75 -4.32
CA ALA B 109 -10.26 -21.94 -5.06
C ALA B 109 -10.65 -22.43 -6.45
N LYS B 110 -10.42 -21.65 -7.51
CA LYS B 110 -10.85 -22.08 -8.82
C LYS B 110 -10.30 -21.23 -9.95
N PRO B 111 -9.77 -21.88 -11.00
CA PRO B 111 -9.32 -21.05 -12.13
C PRO B 111 -10.43 -20.12 -12.55
N PHE B 112 -10.05 -18.86 -12.75
CA PHE B 112 -10.92 -17.79 -13.14
C PHE B 112 -11.75 -18.12 -14.40
N VAL B 113 -11.15 -18.73 -15.44
CA VAL B 113 -11.91 -18.96 -16.68
C VAL B 113 -12.94 -20.05 -16.48
N GLU B 114 -12.81 -20.78 -15.36
CA GLU B 114 -13.74 -21.86 -15.01
C GLU B 114 -14.93 -21.45 -14.11
N THR B 116 -18.32 -20.04 -12.71
CA THR B 116 -19.63 -20.11 -13.31
C THR B 116 -20.48 -19.02 -12.68
N GLN B 117 -21.62 -18.76 -13.32
CA GLN B 117 -22.60 -17.84 -12.84
C GLN B 117 -23.01 -18.13 -11.40
N GLU B 118 -23.14 -19.42 -11.08
CA GLU B 118 -23.55 -19.86 -9.76
C GLU B 118 -22.41 -19.59 -8.73
N ASP B 119 -21.16 -19.70 -9.18
CA ASP B 119 -20.01 -19.40 -8.33
C ASP B 119 -20.03 -17.88 -8.02
N TYR B 120 -20.35 -17.10 -9.05
CA TYR B 120 -20.37 -15.65 -8.98
C TYR B 120 -21.47 -15.21 -8.02
N ASP B 121 -22.71 -15.65 -8.25
CA ASP B 121 -23.79 -15.19 -7.38
C ASP B 121 -23.55 -15.58 -5.92
N HIS B 122 -22.94 -16.74 -5.69
CA HIS B 122 -22.83 -17.25 -4.34
C HIS B 122 -21.83 -16.40 -3.52
N ASN B 123 -20.66 -16.15 -4.11
CA ASN B 123 -19.69 -15.27 -3.54
C ASN B 123 -20.12 -13.80 -3.41
N LEU B 124 -20.72 -13.24 -4.44
CA LEU B 124 -21.20 -11.89 -4.36
C LEU B 124 -22.27 -11.81 -3.27
N GLY B 125 -23.16 -12.78 -3.23
CA GLY B 125 -24.24 -12.83 -2.25
C GLY B 125 -23.73 -12.91 -0.82
N VAL B 126 -22.84 -13.85 -0.53
CA VAL B 126 -22.40 -13.99 0.87
C VAL B 126 -21.39 -12.91 1.28
N ASN B 127 -20.40 -12.71 0.43
CA ASN B 127 -19.25 -11.89 0.74
C ASN B 127 -19.54 -10.42 0.66
N VAL B 128 -20.33 -10.01 -0.33
CA VAL B 128 -20.60 -8.59 -0.53
C VAL B 128 -21.99 -8.20 -0.07
N ALA B 129 -23.03 -8.88 -0.53
CA ALA B 129 -24.36 -8.49 -0.08
C ALA B 129 -24.47 -8.76 1.42
N GLY B 130 -23.84 -9.83 1.88
CA GLY B 130 -23.87 -10.21 3.25
C GLY B 130 -23.45 -9.05 4.12
N PHE B 131 -22.34 -8.46 3.75
CA PHE B 131 -21.76 -7.31 4.41
C PHE B 131 -22.69 -6.09 4.35
N PHE B 132 -23.25 -5.84 3.18
CA PHE B 132 -23.94 -4.55 2.87
C PHE B 132 -25.22 -4.36 3.63
N HIS B 133 -26.10 -5.35 3.59
CA HIS B 133 -27.35 -5.16 4.30
C HIS B 133 -27.20 -4.90 5.80
N ILE B 134 -26.46 -5.72 6.55
CA ILE B 134 -26.41 -5.51 7.98
C ILE B 134 -25.61 -4.30 8.37
N THR B 135 -24.52 -4.09 7.62
CA THR B 135 -23.68 -2.95 7.88
C THR B 135 -24.51 -1.68 7.74
N GLN B 136 -25.28 -1.59 6.68
CA GLN B 136 -26.21 -0.48 6.53
C GLN B 136 -27.17 -0.32 7.71
N ARG B 137 -27.84 -1.40 8.14
CA ARG B 137 -28.86 -1.23 9.22
C ARG B 137 -28.15 -0.93 10.54
N ALA B 138 -26.99 -1.53 10.72
CA ALA B 138 -26.29 -1.35 11.99
C ALA B 138 -25.69 0.05 12.11
N ALA B 139 -25.12 0.51 11.01
CA ALA B 139 -24.47 1.77 10.96
C ALA B 139 -25.47 2.85 11.28
N ALA B 140 -26.66 2.75 10.75
CA ALA B 140 -27.74 3.69 11.11
C ALA B 140 -27.99 3.83 12.63
N GLU B 141 -28.04 2.71 13.36
CA GLU B 141 -28.13 2.75 14.83
C GLU B 141 -26.91 3.38 15.44
N LEU B 143 -24.76 5.58 14.15
CA LEU B 143 -24.76 6.99 13.85
C LEU B 143 -25.69 7.83 14.73
N LYS B 144 -26.95 7.39 14.92
CA LYS B 144 -27.94 8.11 15.78
C LYS B 144 -27.35 8.28 17.18
N GLN B 145 -26.79 7.21 17.75
CA GLN B 145 -26.10 7.26 19.08
C GLN B 145 -24.77 8.04 19.04
N GLY B 146 -24.19 8.20 17.87
CA GLY B 146 -22.83 8.78 17.84
C GLY B 146 -21.71 7.90 18.41
N SER B 147 -21.78 6.58 18.20
CA SER B 147 -20.78 5.65 18.64
C SER B 147 -20.96 4.24 18.04
N GLY B 148 -19.85 3.54 17.82
CA GLY B 148 -19.91 2.24 17.23
C GLY B 148 -18.60 1.77 16.71
N HIS B 149 -18.56 0.47 16.42
CA HIS B 149 -17.39 -0.23 15.86
C HIS B 149 -17.90 -1.29 14.90
N ILE B 150 -17.34 -1.27 13.70
CA ILE B 150 -17.68 -2.22 12.68
C ILE B 150 -16.36 -2.76 12.24
N VAL B 151 -16.21 -4.08 12.27
CA VAL B 151 -14.98 -4.77 11.94
C VAL B 151 -15.32 -5.90 10.95
N SER B 152 -14.52 -6.05 9.91
CA SER B 152 -14.76 -7.10 8.94
C SER B 152 -13.53 -8.01 8.77
N ILE B 153 -13.80 -9.30 8.56
CA ILE B 153 -12.75 -10.32 8.34
C ILE B 153 -12.54 -10.54 6.82
N THR B 154 -11.41 -10.09 6.29
CA THR B 154 -11.12 -10.21 4.87
C THR B 154 -10.15 -11.36 4.76
N THR B 155 -9.08 -11.25 3.99
CA THR B 155 -8.12 -12.33 3.80
C THR B 155 -6.86 -11.70 3.24
N SER B 156 -5.72 -12.29 3.52
CA SER B 156 -4.47 -11.69 3.05
C SER B 156 -4.26 -11.85 1.56
N LEU B 157 -4.99 -12.75 0.94
CA LEU B 157 -4.98 -12.83 -0.53
C LEU B 157 -5.38 -11.49 -1.17
N VAL B 158 -6.15 -10.65 -0.49
CA VAL B 158 -6.46 -9.32 -1.06
C VAL B 158 -5.23 -8.52 -1.42
N ASP B 159 -4.35 -8.28 -0.45
CA ASP B 159 -3.13 -7.54 -0.72
C ASP B 159 -2.00 -8.36 -1.31
N GLN B 160 -1.95 -9.64 -0.90
CA GLN B 160 -0.88 -10.55 -1.32
C GLN B 160 -1.41 -11.84 -1.95
N PRO B 161 -1.88 -11.77 -3.22
CA PRO B 161 -2.41 -12.98 -3.83
C PRO B 161 -1.29 -13.96 -4.18
N VAL B 163 0.35 -17.05 -6.77
CA VAL B 163 0.54 -18.11 -7.77
C VAL B 163 0.19 -19.48 -7.16
N GLY B 164 -0.65 -20.25 -7.85
CA GLY B 164 -1.08 -21.55 -7.33
C GLY B 164 -2.24 -21.48 -6.32
N PRO B 166 -5.59 -19.90 -6.98
CA PRO B 166 -6.47 -19.08 -7.79
C PRO B 166 -7.81 -18.83 -7.13
N SER B 167 -8.03 -17.57 -6.84
CA SER B 167 -9.24 -17.10 -6.24
C SER B 167 -9.65 -15.72 -6.70
N ALA B 168 -10.05 -15.56 -7.93
CA ALA B 168 -10.42 -14.26 -8.40
C ALA B 168 -11.57 -13.72 -7.61
N LEU B 169 -12.49 -14.57 -7.26
CA LEU B 169 -13.63 -14.12 -6.51
C LEU B 169 -13.34 -13.72 -5.07
N ALA B 170 -12.30 -14.23 -4.45
CA ALA B 170 -12.00 -13.78 -3.08
C ALA B 170 -11.46 -12.36 -3.15
N SER B 171 -10.74 -12.10 -4.23
CA SER B 171 -10.15 -10.83 -4.49
C SER B 171 -11.18 -9.74 -4.79
N LEU B 172 -12.06 -9.95 -5.78
CA LEU B 172 -13.18 -9.01 -6.00
C LEU B 172 -13.91 -8.73 -4.74
N THR B 173 -14.20 -9.81 -4.05
CA THR B 173 -15.15 -9.79 -2.93
C THR B 173 -14.55 -9.14 -1.68
N LYS B 174 -13.60 -9.78 -1.05
CA LYS B 174 -12.90 -9.21 0.10
C LYS B 174 -12.12 -7.92 -0.19
N GLY B 175 -11.60 -7.74 -1.40
CA GLY B 175 -10.90 -6.51 -1.78
C GLY B 175 -11.83 -5.32 -1.70
N GLY B 176 -13.07 -5.53 -2.07
CA GLY B 176 -14.10 -4.53 -1.89
C GLY B 176 -14.35 -4.27 -0.42
N LEU B 177 -14.14 -5.28 0.42
CA LEU B 177 -14.36 -5.05 1.84
C LEU B 177 -13.25 -4.21 2.47
N ASN B 178 -11.99 -4.48 2.10
CA ASN B 178 -10.86 -3.68 2.56
C ASN B 178 -11.11 -2.23 2.14
N ALA B 179 -11.50 -2.03 0.88
CA ALA B 179 -11.62 -0.68 0.38
C ALA B 179 -12.78 0.02 1.06
N VAL B 180 -13.91 -0.68 1.23
CA VAL B 180 -15.08 -0.07 1.85
C VAL B 180 -14.84 0.28 3.29
N THR B 181 -13.98 -0.51 3.94
CA THR B 181 -13.52 -0.27 5.29
C THR B 181 -12.87 1.11 5.40
N ARG B 182 -11.92 1.45 4.49
CA ARG B 182 -11.29 2.79 4.52
C ARG B 182 -12.31 3.85 4.16
N SER B 183 -13.16 3.57 3.19
CA SER B 183 -14.17 4.51 2.78
C SER B 183 -15.16 4.92 3.89
N LEU B 184 -15.75 3.94 4.59
CA LEU B 184 -16.69 4.19 5.69
C LEU B 184 -15.94 4.77 6.93
N ALA B 185 -14.69 4.34 7.15
CA ALA B 185 -13.88 4.98 8.15
C ALA B 185 -13.88 6.50 7.94
N GLU B 187 -16.00 8.32 5.96
CA GLU B 187 -17.37 8.84 6.02
C GLU B 187 -17.94 8.96 7.46
N PHE B 188 -17.60 8.06 8.37
CA PHE B 188 -18.15 8.06 9.73
C PHE B 188 -17.20 8.75 10.70
N SER B 189 -16.14 9.28 10.11
CA SER B 189 -15.03 9.94 10.73
C SER B 189 -15.38 10.81 11.92
N ARG B 190 -16.17 11.82 11.59
CA ARG B 190 -16.62 12.86 12.53
C ARG B 190 -17.84 12.41 13.37
N SER B 191 -18.25 11.15 13.29
CA SER B 191 -19.44 10.71 13.99
C SER B 191 -19.18 9.78 15.14
N GLY B 192 -17.94 9.37 15.37
CA GLY B 192 -17.71 8.41 16.44
C GLY B 192 -17.96 6.94 16.09
N VAL B 193 -18.09 6.62 14.82
CA VAL B 193 -18.14 5.23 14.45
C VAL B 193 -16.85 4.84 13.78
N ARG B 194 -16.23 3.79 14.25
CA ARG B 194 -14.98 3.31 13.77
C ARG B 194 -15.16 2.11 12.87
N VAL B 195 -14.43 2.06 11.77
CA VAL B 195 -14.46 0.94 10.89
C VAL B 195 -13.11 0.33 10.61
N ASN B 196 -12.92 -0.93 10.95
CA ASN B 196 -11.66 -1.62 10.76
C ASN B 196 -11.84 -2.98 10.06
N ALA B 197 -10.73 -3.66 9.76
CA ALA B 197 -10.76 -4.97 9.16
C ALA B 197 -9.60 -5.80 9.73
N VAL B 198 -9.82 -7.12 9.82
CA VAL B 198 -8.81 -8.07 10.20
C VAL B 198 -8.64 -9.01 8.99
N SER B 199 -7.40 -9.17 8.59
CA SER B 199 -7.10 -9.91 7.41
C SER B 199 -6.20 -11.18 7.72
N PRO B 200 -6.86 -12.32 8.03
CA PRO B 200 -6.12 -13.51 8.46
C PRO B 200 -5.39 -14.22 7.33
N GLY B 201 -4.33 -14.95 7.70
CA GLY B 201 -3.77 -15.98 6.81
C GLY B 201 -4.66 -17.21 6.89
N VAL B 202 -4.12 -18.38 6.57
CA VAL B 202 -4.86 -19.64 6.69
C VAL B 202 -5.01 -20.03 8.16
N ILE B 203 -6.25 -20.13 8.62
CA ILE B 203 -6.51 -20.31 10.04
C ILE B 203 -6.97 -21.74 10.27
N LYS B 204 -6.39 -22.39 11.28
CA LYS B 204 -6.72 -23.75 11.69
C LYS B 204 -8.13 -23.89 12.32
N THR B 205 -9.09 -24.27 11.47
CA THR B 205 -10.37 -24.81 11.91
C THR B 205 -10.31 -26.39 11.83
N PRO B 206 -11.26 -27.09 12.50
CA PRO B 206 -11.68 -28.50 12.17
C PRO B 206 -11.89 -28.83 10.67
N HIS B 208 -10.23 -28.21 8.15
CA HIS B 208 -8.99 -28.56 7.45
C HIS B 208 -8.40 -29.87 7.93
N PRO B 209 -8.53 -30.93 7.12
CA PRO B 209 -7.98 -32.24 7.55
C PRO B 209 -6.48 -32.16 7.80
N ALA B 210 -5.97 -32.85 8.82
CA ALA B 210 -4.50 -32.90 9.09
C ALA B 210 -3.63 -33.36 7.88
N GLU B 211 -4.28 -33.92 6.85
CA GLU B 211 -3.68 -34.10 5.55
C GLU B 211 -3.21 -32.73 5.11
N THR B 212 -4.13 -31.76 5.00
CA THR B 212 -3.80 -30.39 4.53
C THR B 212 -2.81 -29.55 5.37
N HIS B 213 -2.87 -29.65 6.69
CA HIS B 213 -2.01 -28.84 7.57
C HIS B 213 -0.57 -28.63 7.14
N SER B 214 0.07 -29.69 6.66
CA SER B 214 1.47 -29.62 6.26
C SER B 214 1.55 -28.64 5.09
N THR B 215 0.65 -28.82 4.13
CA THR B 215 0.65 -28.02 2.91
C THR B 215 0.32 -26.56 3.23
N LEU B 216 -0.67 -26.34 4.08
CA LEU B 216 -1.15 -24.99 4.35
C LEU B 216 -0.21 -24.09 5.21
N ALA B 217 0.49 -24.71 6.17
CA ALA B 217 1.50 -24.05 6.98
C ALA B 217 2.50 -23.35 6.11
N GLY B 218 2.79 -23.93 4.96
CA GLY B 218 3.82 -23.48 4.07
C GLY B 218 3.37 -22.30 3.24
N LEU B 219 2.09 -21.91 3.35
CA LEU B 219 1.62 -20.65 2.73
C LEU B 219 1.89 -19.39 3.58
N HIS B 220 2.71 -19.52 4.62
CA HIS B 220 3.13 -18.41 5.48
C HIS B 220 4.64 -18.46 5.61
N PRO B 221 5.29 -17.28 5.70
CA PRO B 221 6.70 -17.16 5.97
C PRO B 221 7.10 -17.80 7.28
N VAL B 222 6.26 -17.71 8.31
CA VAL B 222 6.59 -18.37 9.58
C VAL B 222 6.42 -19.90 9.52
N GLY B 223 5.84 -20.42 8.43
CA GLY B 223 5.67 -21.86 8.22
C GLY B 223 4.82 -22.51 9.31
N ARG B 224 3.72 -21.85 9.65
CA ARG B 224 2.86 -22.20 10.73
C ARG B 224 1.48 -21.73 10.29
N GLY B 226 -2.39 -20.41 11.32
CA GLY B 226 -2.89 -19.62 12.40
C GLY B 226 -3.84 -20.39 13.28
N GLU B 227 -3.99 -19.92 14.51
CA GLU B 227 -5.07 -20.39 15.33
C GLU B 227 -6.26 -19.38 15.40
N ILE B 228 -7.41 -19.88 15.81
CA ILE B 228 -8.60 -19.08 16.03
C ILE B 228 -8.35 -17.95 17.01
N ARG B 229 -7.63 -18.27 18.07
CA ARG B 229 -7.12 -17.32 19.11
C ARG B 229 -6.47 -16.08 18.43
N ASP B 230 -5.65 -16.30 17.40
CA ASP B 230 -4.93 -15.20 16.73
C ASP B 230 -5.94 -14.20 16.15
N VAL B 231 -6.88 -14.68 15.36
CA VAL B 231 -7.85 -13.80 14.78
C VAL B 231 -8.75 -13.16 15.82
N VAL B 232 -9.22 -13.95 16.77
CA VAL B 232 -10.12 -13.43 17.81
C VAL B 232 -9.48 -12.33 18.65
N ASP B 233 -8.19 -12.50 19.02
CA ASP B 233 -7.53 -11.48 19.85
C ASP B 233 -7.40 -10.19 19.01
N ALA B 234 -7.17 -10.32 17.73
CA ALA B 234 -7.09 -9.17 16.82
C ALA B 234 -8.39 -8.39 16.79
N VAL B 235 -9.51 -9.11 16.75
CA VAL B 235 -10.82 -8.42 16.78
C VAL B 235 -11.05 -7.71 18.06
N LEU B 236 -10.66 -8.36 19.15
CA LEU B 236 -10.91 -7.80 20.52
C LEU B 236 -10.03 -6.63 20.80
N TYR B 237 -8.84 -6.65 20.21
CA TYR B 237 -7.94 -5.52 20.32
C TYR B 237 -8.57 -4.31 19.55
N LEU B 238 -8.95 -4.51 18.29
CA LEU B 238 -9.55 -3.39 17.58
C LEU B 238 -10.75 -2.83 18.31
N GLU B 239 -11.54 -3.70 18.95
CA GLU B 239 -12.77 -3.28 19.61
C GLU B 239 -12.50 -2.36 20.81
N HIS B 240 -11.36 -2.54 21.49
CA HIS B 240 -11.05 -1.66 22.62
C HIS B 240 -10.02 -0.57 22.30
N ALA B 241 -9.57 -0.50 21.05
CA ALA B 241 -8.59 0.52 20.69
C ALA B 241 -9.35 1.73 20.10
N GLY B 242 -9.75 2.65 20.98
CA GLY B 242 -10.61 3.81 20.62
C GLY B 242 -9.98 4.77 19.61
N PHE B 243 -8.70 4.65 19.32
CA PHE B 243 -8.10 5.67 18.43
C PHE B 243 -7.80 5.06 17.05
N ILE B 244 -8.17 3.80 16.84
CA ILE B 244 -7.96 3.10 15.55
C ILE B 244 -9.23 3.04 14.66
N THR B 245 -9.11 3.54 13.42
CA THR B 245 -10.19 3.50 12.44
C THR B 245 -9.62 3.42 11.05
N GLY B 246 -10.28 2.66 10.19
CA GLY B 246 -9.83 2.52 8.82
C GLY B 246 -8.58 1.68 8.68
N GLU B 247 -8.29 0.88 9.70
CA GLU B 247 -7.12 -0.01 9.70
C GLU B 247 -7.36 -1.46 9.24
N ILE B 248 -6.41 -1.99 8.47
CA ILE B 248 -6.39 -3.42 8.09
C ILE B 248 -5.28 -4.08 8.89
N LEU B 249 -5.64 -4.88 9.86
CA LEU B 249 -4.69 -5.56 10.68
C LEU B 249 -4.52 -6.96 10.14
N HIS B 250 -3.32 -7.26 9.73
CA HIS B 250 -2.96 -8.53 9.15
C HIS B 250 -2.49 -9.48 10.21
N VAL B 251 -3.09 -10.64 10.25
CA VAL B 251 -2.81 -11.68 11.21
C VAL B 251 -2.55 -12.82 10.32
N ASP B 252 -1.38 -12.84 9.78
CA ASP B 252 -1.16 -13.65 8.59
C ASP B 252 0.20 -14.41 8.57
N GLY B 253 0.84 -14.56 9.73
CA GLY B 253 2.17 -15.15 9.80
C GLY B 253 3.17 -14.53 8.85
N GLY B 254 3.01 -13.22 8.56
CA GLY B 254 3.88 -12.49 7.64
C GLY B 254 3.58 -12.47 6.13
N GLN B 255 2.46 -13.08 5.70
CA GLN B 255 2.15 -13.14 4.26
C GLN B 255 2.13 -11.78 3.55
N ASN B 256 1.60 -10.76 4.23
CA ASN B 256 1.41 -9.50 3.57
C ASN B 256 2.76 -8.78 3.47
N ALA B 257 3.74 -9.24 4.24
CA ALA B 257 4.97 -8.45 4.36
C ALA B 257 6.00 -8.67 3.27
N GLY B 258 5.96 -9.80 2.58
CA GLY B 258 6.89 -9.98 1.48
C GLY B 258 6.79 -11.37 0.90
N ARG B 259 7.79 -11.74 0.13
CA ARG B 259 7.67 -12.91 -0.67
C ARG B 259 8.47 -14.00 -0.02
N TRP B 260 7.83 -15.11 0.27
CA TRP B 260 8.48 -16.33 0.74
C TRP B 260 8.22 -17.45 -0.29
N GLN C 27 14.48 -16.12 34.19
CA GLN C 27 13.20 -16.77 33.75
C GLN C 27 12.15 -15.80 33.11
N GLN C 28 11.86 -14.69 33.78
CA GLN C 28 11.03 -13.63 33.21
C GLN C 28 11.61 -13.17 31.86
N LYS C 29 10.75 -12.83 30.90
CA LYS C 29 11.25 -12.20 29.69
C LYS C 29 11.90 -10.81 29.97
N VAL C 30 12.77 -10.41 29.05
CA VAL C 30 13.51 -9.17 29.12
C VAL C 30 13.28 -8.24 27.91
N VAL C 31 12.90 -7.01 28.21
CA VAL C 31 12.75 -6.04 27.14
C VAL C 31 13.68 -4.82 27.25
N VAL C 32 14.24 -4.43 26.11
CA VAL C 32 15.01 -3.19 25.94
C VAL C 32 14.08 -2.15 25.33
N ILE C 33 14.07 -0.98 25.91
CA ILE C 33 13.22 0.07 25.41
C ILE C 33 14.07 1.29 25.27
N THR C 34 14.12 1.80 24.04
CA THR C 34 14.89 3.00 23.80
C THR C 34 14.01 4.24 23.94
N GLY C 35 14.61 5.42 24.07
CA GLY C 35 13.85 6.64 24.30
C GLY C 35 12.89 6.49 25.50
N ALA C 36 13.40 5.96 26.61
CA ALA C 36 12.55 5.56 27.70
C ALA C 36 12.18 6.72 28.61
N SER C 37 12.74 7.88 28.38
CA SER C 37 12.43 9.03 29.20
C SER C 37 11.28 9.88 28.69
N GLN C 38 10.95 9.68 27.46
CA GLN C 38 9.84 10.30 26.82
C GLN C 38 8.61 9.70 27.49
N GLY C 39 7.46 10.34 27.31
CA GLY C 39 6.20 9.88 27.85
C GLY C 39 5.69 8.54 27.37
N ILE C 40 5.84 8.28 26.08
CA ILE C 40 5.61 6.95 25.50
C ILE C 40 6.57 5.98 26.11
N GLY C 41 7.84 6.37 26.16
CA GLY C 41 8.90 5.58 26.79
C GLY C 41 8.50 5.16 28.19
N ALA C 42 8.08 6.10 29.02
CA ALA C 42 7.76 5.72 30.40
C ALA C 42 6.49 4.82 30.50
N GLY C 43 5.48 5.08 29.67
CA GLY C 43 4.27 4.21 29.62
C GLY C 43 4.67 2.79 29.28
N LEU C 44 5.58 2.62 28.34
CA LEU C 44 6.06 1.28 27.93
C LEU C 44 6.77 0.56 29.06
N VAL C 45 7.56 1.31 29.84
CA VAL C 45 8.28 0.72 30.95
C VAL C 45 7.28 0.14 31.93
N ARG C 46 6.28 0.93 32.30
CA ARG C 46 5.33 0.44 33.27
C ARG C 46 4.56 -0.76 32.75
N ALA C 47 4.13 -0.71 31.49
CA ALA C 47 3.24 -1.75 30.93
C ALA C 47 3.93 -3.08 30.82
N TYR C 48 5.20 -3.05 30.43
CA TYR C 48 6.01 -4.27 30.37
C TYR C 48 6.30 -4.85 31.76
N ARG C 49 6.53 -3.98 32.77
CA ARG C 49 6.66 -4.42 34.18
C ARG C 49 5.34 -5.02 34.69
N ASP C 50 4.22 -4.40 34.33
CA ASP C 50 2.91 -4.95 34.72
C ASP C 50 2.76 -6.37 34.21
N ARG C 51 3.44 -6.70 33.09
CA ARG C 51 3.42 -8.07 32.53
C ARG C 51 4.53 -8.98 33.05
N ASN C 52 5.28 -8.50 34.02
CA ASN C 52 6.32 -9.37 34.55
C ASN C 52 7.60 -9.48 33.68
N TYR C 53 7.84 -8.51 32.79
CA TYR C 53 9.14 -8.49 32.11
C TYR C 53 10.07 -7.72 32.98
N ARG C 54 11.33 -8.06 32.81
CA ARG C 54 12.43 -7.25 33.22
C ARG C 54 12.72 -6.28 32.07
N VAL C 55 13.15 -5.07 32.44
CA VAL C 55 13.30 -3.94 31.53
C VAL C 55 14.70 -3.28 31.58
N VAL C 56 15.29 -3.13 30.38
CA VAL C 56 16.49 -2.33 30.19
C VAL C 56 16.04 -1.09 29.48
N ALA C 57 16.09 0.04 30.18
CA ALA C 57 15.55 1.31 29.70
C ALA C 57 16.69 2.31 29.49
N THR C 58 16.83 2.81 28.26
CA THR C 58 17.85 3.81 27.92
C THR C 58 17.26 5.07 27.44
N SER C 59 18.02 6.14 27.66
CA SER C 59 17.76 7.47 27.17
C SER C 59 19.05 8.31 27.31
N ARG C 60 19.13 9.44 26.62
CA ARG C 60 20.23 10.41 26.85
C ARG C 60 20.41 10.73 28.36
N SER C 61 19.30 10.97 29.05
CA SER C 61 19.35 11.28 30.49
C SER C 61 18.28 10.43 31.17
N ILE C 62 18.69 9.58 32.08
CA ILE C 62 17.75 8.75 32.83
C ILE C 62 18.46 8.47 34.15
N LYS C 63 17.76 8.65 35.25
CA LYS C 63 18.44 8.49 36.53
C LYS C 63 18.37 7.01 36.84
N PRO C 64 19.33 6.50 37.64
CA PRO C 64 19.31 5.05 37.99
C PRO C 64 17.95 4.59 38.58
N SER C 65 17.71 3.28 38.66
CA SER C 65 16.42 2.83 39.21
C SER C 65 16.53 2.16 40.58
N ALA C 66 15.48 2.36 41.38
CA ALA C 66 15.35 1.69 42.69
C ALA C 66 15.17 0.19 42.45
N ASP C 67 14.24 -0.08 41.53
CA ASP C 67 13.73 -1.37 41.17
C ASP C 67 14.77 -2.36 40.60
N PRO C 68 15.03 -3.46 41.32
CA PRO C 68 15.93 -4.49 40.84
C PRO C 68 15.56 -4.92 39.45
N ASP C 69 14.31 -4.70 39.09
CA ASP C 69 13.80 -5.23 37.82
C ASP C 69 13.84 -4.21 36.66
N ILE C 70 14.36 -3.03 36.91
CA ILE C 70 14.57 -2.06 35.84
C ILE C 70 16.03 -1.62 35.88
N HIS C 71 16.78 -1.89 34.81
CA HIS C 71 18.16 -1.46 34.72
C HIS C 71 18.16 -0.32 33.70
N THR C 72 18.65 0.84 34.10
CA THR C 72 18.72 2.00 33.22
C THR C 72 20.13 2.22 32.72
N VAL C 73 20.26 2.63 31.46
CA VAL C 73 21.55 2.88 30.85
C VAL C 73 21.44 4.28 30.20
N ALA C 74 22.23 5.25 30.65
CA ALA C 74 22.25 6.60 30.05
C ALA C 74 23.21 6.57 28.89
N GLY C 75 22.78 7.20 27.79
CA GLY C 75 23.57 7.22 26.57
C GLY C 75 22.87 7.94 25.41
N ASP C 76 23.66 8.26 24.40
CA ASP C 76 23.21 8.84 23.17
C ASP C 76 23.12 7.68 22.17
N ILE C 77 21.91 7.33 21.73
CA ILE C 77 21.66 6.12 20.90
C ILE C 77 22.17 6.25 19.48
N SER C 78 22.54 7.45 19.05
CA SER C 78 23.06 7.67 17.69
C SER C 78 24.43 7.01 17.49
N LYS C 79 25.02 6.61 18.62
CA LYS C 79 26.36 5.99 18.68
C LYS C 79 26.28 4.48 18.73
N PRO C 80 27.03 3.81 17.88
CA PRO C 80 27.14 2.34 17.97
C PRO C 80 27.62 1.84 19.35
N GLU C 81 28.64 2.51 19.89
CA GLU C 81 29.12 2.21 21.21
C GLU C 81 27.98 2.03 22.19
N THR C 82 26.96 2.92 22.12
CA THR C 82 25.83 2.84 23.05
C THR C 82 25.01 1.54 22.93
N ALA C 83 24.75 1.11 21.70
CA ALA C 83 24.06 -0.16 21.49
C ALA C 83 24.79 -1.28 22.20
N ASP C 84 26.13 -1.35 22.02
CA ASP C 84 26.97 -2.40 22.58
C ASP C 84 26.78 -2.51 24.08
N ARG C 85 26.81 -1.36 24.70
CA ARG C 85 26.71 -1.24 26.14
C ARG C 85 25.35 -1.66 26.71
N ILE C 86 24.27 -1.19 26.07
CA ILE C 86 22.91 -1.54 26.43
C ILE C 86 22.75 -3.08 26.42
N VAL C 87 23.10 -3.69 25.30
CA VAL C 87 22.87 -5.12 25.19
C VAL C 87 23.74 -5.85 26.20
N ARG C 88 25.02 -5.55 26.27
CA ARG C 88 25.86 -6.31 27.21
C ARG C 88 25.42 -6.09 28.64
N GLU C 89 24.96 -4.90 28.97
CA GLU C 89 24.48 -4.69 30.33
C GLU C 89 23.23 -5.47 30.72
N GLY C 90 22.36 -5.69 29.73
CA GLY C 90 21.16 -6.45 29.94
C GLY C 90 21.46 -7.92 30.04
N ILE C 91 22.34 -8.39 29.16
CA ILE C 91 22.85 -9.74 29.24
C ILE C 91 23.53 -9.90 30.61
N GLU C 92 24.39 -8.97 31.03
CA GLU C 92 25.02 -9.02 32.39
C GLU C 92 24.01 -9.18 33.53
N ARG C 93 23.01 -8.29 33.58
CA ARG C 93 22.05 -8.24 34.68
C ARG C 93 20.99 -9.37 34.68
N PHE C 94 20.43 -9.68 33.52
CA PHE C 94 19.20 -10.47 33.47
C PHE C 94 19.35 -11.73 32.66
N GLY C 95 20.44 -11.82 31.94
CA GLY C 95 20.84 -13.05 31.24
C GLY C 95 20.30 -13.29 29.85
N ARG C 96 19.46 -12.39 29.33
CA ARG C 96 18.76 -12.62 28.04
C ARG C 96 18.10 -11.33 27.54
N ILE C 97 17.80 -11.31 26.24
CA ILE C 97 17.00 -10.25 25.66
C ILE C 97 15.97 -10.97 24.79
N ASP C 98 14.68 -10.67 25.05
CA ASP C 98 13.53 -11.24 24.33
C ASP C 98 12.93 -10.21 23.37
N SER C 99 12.97 -8.95 23.79
CA SER C 99 12.26 -7.94 23.07
C SER C 99 13.01 -6.62 23.01
N LEU C 100 12.83 -5.94 21.89
CA LEU C 100 13.40 -4.63 21.71
C LEU C 100 12.30 -3.70 21.30
N VAL C 101 12.13 -2.57 21.99
CA VAL C 101 11.23 -1.55 21.48
C VAL C 101 12.01 -0.30 21.05
N ASN C 102 12.10 -0.04 19.75
CA ASN C 102 12.73 1.20 19.28
C ASN C 102 11.81 2.40 19.36
N ASN C 103 12.00 3.21 20.40
CA ASN C 103 11.16 4.34 20.60
C ASN C 103 11.91 5.67 20.58
N ALA C 104 13.18 5.68 20.20
CA ALA C 104 13.97 6.91 20.25
C ALA C 104 13.66 7.58 18.94
N GLY C 105 13.58 8.91 18.93
CA GLY C 105 13.13 9.62 17.75
C GLY C 105 13.22 11.11 17.95
N VAL C 106 13.52 11.80 16.85
CA VAL C 106 13.26 13.22 16.81
C VAL C 106 12.51 13.56 15.58
N PHE C 107 11.92 14.73 15.64
CA PHE C 107 11.04 15.21 14.64
C PHE C 107 11.31 16.68 14.36
N LEU C 108 11.43 17.00 13.08
CA LEU C 108 11.75 18.33 12.61
C LEU C 108 10.72 18.75 11.51
N ALA C 109 10.06 19.85 11.76
CA ALA C 109 9.19 20.49 10.80
C ALA C 109 9.89 21.71 10.22
N LYS C 110 10.22 21.65 8.93
CA LYS C 110 11.05 22.67 8.31
C LYS C 110 10.98 22.46 6.82
N PRO C 111 10.93 23.57 6.03
CA PRO C 111 10.93 23.34 4.58
C PRO C 111 12.19 22.61 4.13
N PHE C 112 12.01 21.57 3.31
CA PHE C 112 13.11 20.75 2.85
C PHE C 112 14.33 21.56 2.40
N VAL C 113 14.05 22.65 1.71
CA VAL C 113 15.05 23.44 1.08
C VAL C 113 15.84 24.29 2.11
N GLU C 114 15.34 24.37 3.34
CA GLU C 114 15.99 25.14 4.41
C GLU C 114 16.79 24.26 5.36
N THR C 116 19.65 21.99 7.07
CA THR C 116 21.09 22.24 7.11
C THR C 116 21.76 20.91 7.31
N GLN C 117 23.06 20.85 7.03
CA GLN C 117 23.88 19.72 7.40
C GLN C 117 23.61 19.20 8.83
N GLU C 118 23.41 20.11 9.78
CA GLU C 118 23.17 19.79 11.19
C GLU C 118 21.78 19.15 11.43
N ASP C 119 20.72 19.67 10.77
CA ASP C 119 19.43 19.02 10.78
C ASP C 119 19.57 17.58 10.26
N TYR C 120 20.29 17.45 9.14
CA TYR C 120 20.48 16.17 8.52
C TYR C 120 21.18 15.18 9.46
N ASP C 121 22.32 15.55 10.00
CA ASP C 121 23.14 14.61 10.80
C ASP C 121 22.40 14.19 12.08
N HIS C 122 21.66 15.15 12.62
CA HIS C 122 20.86 14.95 13.79
C HIS C 122 19.78 13.91 13.47
N ASN C 123 19.04 14.11 12.38
CA ASN C 123 17.94 13.18 12.07
C ASN C 123 18.39 11.75 11.70
N LEU C 124 19.39 11.67 10.84
CA LEU C 124 20.03 10.44 10.51
C LEU C 124 20.61 9.79 11.77
N GLY C 125 21.21 10.58 12.67
CA GLY C 125 21.80 9.98 13.87
C GLY C 125 20.74 9.32 14.75
N VAL C 126 19.81 10.08 15.28
CA VAL C 126 18.84 9.53 16.21
C VAL C 126 17.84 8.52 15.50
N ASN C 127 17.38 8.87 14.31
CA ASN C 127 16.34 8.11 13.71
C ASN C 127 16.76 6.84 12.98
N VAL C 128 17.95 6.80 12.41
CA VAL C 128 18.36 5.66 11.59
C VAL C 128 19.40 4.89 12.32
N ALA C 129 20.51 5.53 12.61
CA ALA C 129 21.58 4.92 13.40
C ALA C 129 21.08 4.48 14.78
N GLY C 130 20.15 5.27 15.33
CA GLY C 130 19.61 5.01 16.65
C GLY C 130 18.65 3.81 16.67
N PHE C 131 18.38 3.23 15.49
CA PHE C 131 17.49 2.07 15.41
C PHE C 131 18.41 0.92 15.03
N PHE C 132 19.36 1.21 14.14
CA PHE C 132 20.11 0.19 13.45
C PHE C 132 21.07 -0.65 14.30
N HIS C 133 21.97 0.01 15.00
CA HIS C 133 22.93 -0.68 15.85
C HIS C 133 22.28 -1.47 17.02
N ILE C 134 21.32 -0.83 17.69
CA ILE C 134 20.65 -1.47 18.81
C ILE C 134 19.89 -2.69 18.26
N THR C 135 19.30 -2.58 17.07
CA THR C 135 18.54 -3.67 16.53
C THR C 135 19.51 -4.77 16.13
N GLN C 136 20.64 -4.43 15.57
CA GLN C 136 21.57 -5.44 15.19
C GLN C 136 22.07 -6.26 16.40
N ARG C 137 22.43 -5.59 17.51
CA ARG C 137 22.85 -6.30 18.72
C ARG C 137 21.75 -7.12 19.41
N ALA C 138 20.57 -6.53 19.61
CA ALA C 138 19.48 -7.28 20.24
C ALA C 138 19.11 -8.50 19.38
N ALA C 139 19.21 -8.35 18.07
CA ALA C 139 18.83 -9.43 17.17
C ALA C 139 19.81 -10.61 17.26
N ALA C 140 21.11 -10.35 17.37
CA ALA C 140 22.08 -11.44 17.57
C ALA C 140 21.74 -12.27 18.79
N GLU C 141 21.32 -11.62 19.88
CA GLU C 141 20.94 -12.38 21.07
C GLU C 141 19.69 -13.21 20.85
N LEU C 143 18.25 -14.29 17.94
CA LEU C 143 18.68 -15.40 17.09
C LEU C 143 19.34 -16.56 17.86
N LYS C 144 20.11 -16.29 18.91
CA LYS C 144 20.79 -17.39 19.63
C LYS C 144 19.82 -18.28 20.44
N GLN C 145 18.77 -17.66 21.01
CA GLN C 145 17.75 -18.31 21.83
C GLN C 145 16.63 -18.87 20.99
N GLY C 146 16.57 -18.47 19.73
CA GLY C 146 15.59 -18.93 18.75
C GLY C 146 14.22 -18.28 18.94
N SER C 147 14.18 -17.01 19.38
CA SER C 147 12.92 -16.43 19.81
C SER C 147 13.02 -14.93 20.09
N GLY C 148 12.08 -14.13 19.58
CA GLY C 148 12.12 -12.69 19.94
C GLY C 148 11.10 -11.74 19.35
N HIS C 149 11.13 -10.51 19.83
CA HIS C 149 10.25 -9.48 19.26
C HIS C 149 10.93 -8.11 19.13
N ILE C 150 10.94 -7.63 17.90
CA ILE C 150 11.36 -6.27 17.60
C ILE C 150 10.18 -5.44 17.10
N VAL C 151 9.86 -4.36 17.80
CA VAL C 151 8.88 -3.38 17.37
C VAL C 151 9.49 -1.98 17.31
N SER C 152 9.15 -1.21 16.28
CA SER C 152 9.69 0.14 16.18
C SER C 152 8.54 1.15 16.11
N ILE C 153 8.72 2.28 16.76
CA ILE C 153 7.68 3.30 16.73
C ILE C 153 8.00 4.23 15.58
N THR C 154 7.17 4.25 14.55
CA THR C 154 7.47 5.16 13.44
C THR C 154 6.52 6.38 13.46
N THR C 155 5.87 6.68 12.34
CA THR C 155 4.96 7.82 12.26
C THR C 155 4.09 7.70 11.05
N SER C 156 2.83 8.04 11.21
CA SER C 156 1.88 8.17 10.09
C SER C 156 2.27 9.02 8.86
N LEU C 157 3.18 9.97 9.05
CA LEU C 157 3.69 10.76 7.92
C LEU C 157 4.44 9.97 6.88
N VAL C 158 4.86 8.75 7.20
CA VAL C 158 5.58 7.93 6.23
C VAL C 158 4.63 7.56 5.11
N ASP C 159 3.45 7.03 5.49
CA ASP C 159 2.50 6.55 4.48
C ASP C 159 1.49 7.64 4.12
N GLN C 160 1.21 8.55 5.06
CA GLN C 160 0.33 9.67 4.78
C GLN C 160 0.95 11.07 5.09
N PRO C 161 1.92 11.54 4.26
CA PRO C 161 2.51 12.88 4.48
C PRO C 161 1.44 13.91 4.21
N VAL C 163 0.38 18.05 3.30
CA VAL C 163 0.65 19.40 2.88
C VAL C 163 0.64 20.27 4.14
N GLY C 164 1.66 21.13 4.29
CA GLY C 164 1.66 22.08 5.40
C GLY C 164 2.32 21.48 6.61
N PRO C 166 5.81 20.16 6.58
CA PRO C 166 6.97 19.77 5.80
C PRO C 166 7.97 19.01 6.67
N SER C 167 8.34 17.81 6.24
CA SER C 167 9.21 17.00 7.06
C SER C 167 9.85 15.96 6.20
N ALA C 168 10.65 16.41 5.26
CA ALA C 168 11.32 15.43 4.42
C ALA C 168 12.18 14.42 5.22
N LEU C 169 12.95 14.91 6.20
CA LEU C 169 13.84 14.02 7.02
C LEU C 169 13.12 12.96 7.85
N ALA C 170 11.91 13.27 8.28
CA ALA C 170 11.10 12.35 9.05
C ALA C 170 10.64 11.22 8.15
N SER C 171 10.23 11.58 6.94
CA SER C 171 9.81 10.63 5.95
C SER C 171 10.98 9.80 5.44
N LEU C 172 12.13 10.42 5.29
CA LEU C 172 13.34 9.72 4.90
C LEU C 172 13.74 8.75 6.00
N THR C 173 13.69 9.15 7.27
CA THR C 173 14.25 8.30 8.33
C THR C 173 13.24 7.28 8.82
N LYS C 174 12.08 7.72 9.23
CA LYS C 174 11.08 6.74 9.64
C LYS C 174 10.61 5.87 8.47
N GLY C 175 10.67 6.34 7.25
CA GLY C 175 10.21 5.54 6.12
C GLY C 175 11.10 4.35 5.83
N GLY C 176 12.39 4.50 6.16
CA GLY C 176 13.31 3.38 6.08
C GLY C 176 13.02 2.34 7.13
N LEU C 177 12.54 2.79 8.29
CA LEU C 177 12.15 1.96 9.39
C LEU C 177 10.98 1.02 9.06
N ASN C 178 9.91 1.53 8.49
CA ASN C 178 8.82 0.73 7.97
C ASN C 178 9.29 -0.35 7.05
N ALA C 179 10.21 -0.04 6.14
CA ALA C 179 10.54 -1.00 5.13
C ALA C 179 11.51 -2.03 5.70
N VAL C 180 12.41 -1.63 6.58
CA VAL C 180 13.30 -2.58 7.20
C VAL C 180 12.52 -3.48 8.11
N THR C 181 11.44 -2.94 8.68
CA THR C 181 10.51 -3.75 9.45
C THR C 181 9.96 -4.97 8.67
N ARG C 182 9.53 -4.77 7.43
CA ARG C 182 9.08 -5.89 6.63
C ARG C 182 10.24 -6.79 6.13
N SER C 183 11.36 -6.17 5.77
CA SER C 183 12.55 -6.85 5.32
C SER C 183 13.11 -7.81 6.41
N LEU C 184 13.20 -7.37 7.66
CA LEU C 184 13.72 -8.23 8.73
C LEU C 184 12.67 -9.25 9.13
N ALA C 185 11.39 -8.94 8.94
CA ALA C 185 10.41 -9.95 9.20
C ALA C 185 10.61 -11.13 8.23
N GLU C 187 13.60 -11.84 6.64
CA GLU C 187 14.88 -12.40 6.97
C GLU C 187 14.80 -13.39 8.17
N PHE C 188 14.08 -13.01 9.24
CA PHE C 188 14.08 -13.74 10.52
C PHE C 188 12.89 -14.64 10.61
N SER C 189 12.20 -14.71 9.51
CA SER C 189 11.01 -15.46 9.26
C SER C 189 11.00 -16.91 9.82
N ARG C 190 12.04 -17.68 9.48
CA ARG C 190 12.12 -19.05 9.97
C ARG C 190 12.98 -19.15 11.21
N SER C 191 13.32 -18.01 11.84
CA SER C 191 14.19 -18.02 13.01
C SER C 191 13.49 -17.74 14.31
N GLY C 192 12.20 -17.49 14.30
CA GLY C 192 11.51 -17.32 15.60
C GLY C 192 11.50 -15.90 16.09
N VAL C 193 12.12 -14.98 15.35
CA VAL C 193 12.04 -13.57 15.69
C VAL C 193 10.93 -12.86 14.86
N ARG C 194 9.94 -12.33 15.56
CA ARG C 194 8.96 -11.46 14.92
C ARG C 194 9.45 -10.00 14.91
N VAL C 195 9.14 -9.27 13.83
CA VAL C 195 9.48 -7.87 13.67
C VAL C 195 8.27 -7.06 13.20
N ASN C 196 7.84 -6.05 13.98
CA ASN C 196 6.67 -5.23 13.69
C ASN C 196 6.88 -3.71 13.96
N ALA C 197 5.90 -2.89 13.59
CA ALA C 197 5.96 -1.47 13.82
C ALA C 197 4.62 -0.90 14.24
N VAL C 198 4.67 0.21 15.00
CA VAL C 198 3.51 0.92 15.41
C VAL C 198 3.66 2.34 14.86
N SER C 199 2.69 2.78 14.07
CA SER C 199 2.74 4.09 13.43
C SER C 199 1.70 5.03 14.02
N PRO C 200 2.10 5.81 15.01
CA PRO C 200 1.12 6.62 15.73
C PRO C 200 0.74 7.95 15.02
N GLY C 201 -0.42 8.50 15.36
CA GLY C 201 -0.75 9.89 14.96
C GLY C 201 -0.05 10.88 15.88
N VAL C 202 -0.69 12.03 16.17
CA VAL C 202 -0.13 12.99 17.12
C VAL C 202 -0.61 12.59 18.51
N ILE C 203 0.35 12.41 19.40
CA ILE C 203 0.08 11.89 20.71
C ILE C 203 0.15 12.99 21.74
N LYS C 204 -0.78 12.98 22.68
CA LYS C 204 -0.79 14.00 23.71
C LYS C 204 0.38 13.80 24.68
N THR C 205 1.29 14.77 24.66
CA THR C 205 2.56 14.78 25.39
C THR C 205 2.80 16.18 25.99
N PRO C 206 3.60 16.27 27.07
CA PRO C 206 4.06 17.58 27.62
C PRO C 206 4.70 18.52 26.59
N HIS C 208 3.51 19.06 23.79
CA HIS C 208 2.45 19.78 23.09
C HIS C 208 1.61 20.57 24.12
N PRO C 209 1.77 21.91 24.16
CA PRO C 209 1.01 22.72 25.13
C PRO C 209 -0.49 22.73 24.84
N ALA C 210 -1.28 23.01 25.87
CA ALA C 210 -2.73 22.88 25.77
C ALA C 210 -3.37 23.78 24.74
N GLU C 211 -2.81 24.97 24.50
CA GLU C 211 -3.40 25.91 23.53
C GLU C 211 -3.38 25.36 22.05
N THR C 212 -2.54 24.35 21.86
CA THR C 212 -2.24 23.66 20.62
C THR C 212 -3.17 22.46 20.39
N HIS C 213 -3.69 21.85 21.46
CA HIS C 213 -4.47 20.59 21.34
C HIS C 213 -5.58 20.61 20.30
N SER C 214 -6.34 21.69 20.27
CA SER C 214 -7.45 21.81 19.39
C SER C 214 -6.99 21.80 17.93
N THR C 215 -5.82 22.40 17.66
CA THR C 215 -5.17 22.33 16.33
C THR C 215 -4.67 20.92 16.00
N LEU C 216 -4.01 20.27 16.95
CA LEU C 216 -3.50 18.93 16.64
C LEU C 216 -4.63 17.92 16.48
N ALA C 217 -5.74 18.18 17.13
CA ALA C 217 -6.85 17.25 17.07
C ALA C 217 -7.28 17.21 15.61
N GLY C 218 -7.42 18.39 14.99
CA GLY C 218 -7.79 18.48 13.60
C GLY C 218 -6.84 17.83 12.60
N LEU C 219 -5.72 17.25 13.05
CA LEU C 219 -4.87 16.60 12.11
C LEU C 219 -5.19 15.05 12.00
N HIS C 220 -6.32 14.62 12.54
CA HIS C 220 -6.75 13.23 12.43
C HIS C 220 -8.16 13.31 11.93
N PRO C 221 -8.57 12.38 11.06
CA PRO C 221 -9.94 12.48 10.55
C PRO C 221 -10.92 12.46 11.68
N VAL C 222 -10.55 11.71 12.68
CA VAL C 222 -11.30 11.56 13.91
C VAL C 222 -11.41 12.84 14.80
N GLY C 223 -10.51 13.85 14.66
CA GLY C 223 -10.72 15.11 15.38
C GLY C 223 -10.40 15.05 16.87
N ARG C 224 -9.48 14.15 17.25
CA ARG C 224 -8.90 14.19 18.58
C ARG C 224 -7.46 13.75 18.52
N GLY C 226 -4.27 11.44 20.06
CA GLY C 226 -4.10 10.17 20.74
C GLY C 226 -3.62 10.32 22.19
N GLU C 227 -3.77 9.24 22.95
CA GLU C 227 -3.25 9.13 24.31
C GLU C 227 -2.09 8.14 24.35
N ILE C 228 -1.29 8.24 25.41
CA ILE C 228 -0.10 7.39 25.51
C ILE C 228 -0.53 5.94 25.44
N ARG C 229 -1.63 5.65 26.11
CA ARG C 229 -2.07 4.30 26.26
C ARG C 229 -2.50 3.70 24.92
N ASP C 230 -2.95 4.50 23.98
CA ASP C 230 -3.28 3.97 22.65
C ASP C 230 -2.10 3.29 21.94
N VAL C 231 -0.93 3.86 22.09
CA VAL C 231 0.31 3.36 21.48
C VAL C 231 0.90 2.21 22.28
N VAL C 232 0.91 2.38 23.60
CA VAL C 232 1.32 1.36 24.53
C VAL C 232 0.52 0.04 24.37
N ASP C 233 -0.81 0.11 24.31
CA ASP C 233 -1.63 -1.09 24.08
C ASP C 233 -1.30 -1.71 22.74
N ALA C 234 -1.21 -0.91 21.70
CA ALA C 234 -0.77 -1.41 20.41
C ALA C 234 0.59 -2.20 20.49
N VAL C 235 1.60 -1.62 21.09
CA VAL C 235 2.87 -2.35 21.32
C VAL C 235 2.65 -3.66 22.10
N LEU C 236 1.89 -3.59 23.16
CA LEU C 236 1.68 -4.80 23.97
C LEU C 236 0.82 -5.86 23.28
N TYR C 237 -0.20 -5.44 22.56
CA TYR C 237 -0.89 -6.33 21.69
C TYR C 237 0.11 -7.05 20.77
N LEU C 238 0.98 -6.35 20.06
CA LEU C 238 1.87 -7.03 19.09
C LEU C 238 2.82 -7.96 19.79
N GLU C 239 3.23 -7.54 20.99
CA GLU C 239 4.12 -8.33 21.84
C GLU C 239 3.49 -9.71 22.16
N HIS C 240 2.17 -9.77 22.32
CA HIS C 240 1.53 -11.03 22.69
C HIS C 240 0.89 -11.76 21.52
N ALA C 241 1.00 -11.20 20.32
CA ALA C 241 0.35 -11.77 19.15
C ALA C 241 1.37 -12.58 18.30
N GLY C 242 1.43 -13.88 18.57
CA GLY C 242 2.51 -14.77 18.03
C GLY C 242 2.50 -15.04 16.55
N PHE C 243 1.39 -14.70 15.90
CA PHE C 243 1.24 -14.99 14.47
C PHE C 243 1.40 -13.71 13.63
N ILE C 244 1.73 -12.59 14.27
CA ILE C 244 1.98 -11.34 13.54
C ILE C 244 3.44 -10.97 13.38
N THR C 245 3.86 -10.78 12.12
CA THR C 245 5.19 -10.26 11.80
C THR C 245 5.12 -9.47 10.54
N GLY C 246 5.95 -8.45 10.45
CA GLY C 246 5.97 -7.61 9.30
C GLY C 246 4.78 -6.70 9.20
N GLU C 247 4.09 -6.47 10.28
CA GLU C 247 2.93 -5.64 10.27
C GLU C 247 3.20 -4.24 10.79
N ILE C 248 2.70 -3.23 10.12
CA ILE C 248 2.75 -1.88 10.60
C ILE C 248 1.37 -1.65 11.14
N LEU C 249 1.26 -1.37 12.40
CA LEU C 249 -0.05 -1.15 12.96
C LEU C 249 -0.28 0.36 13.09
N HIS C 250 -1.31 0.88 12.40
CA HIS C 250 -1.57 2.37 12.39
C HIS C 250 -2.47 2.77 13.57
N VAL C 251 -1.94 3.53 14.52
CA VAL C 251 -2.76 3.94 15.69
C VAL C 251 -2.84 5.45 15.52
N ASP C 252 -3.66 5.87 14.57
CA ASP C 252 -3.51 7.23 14.10
C ASP C 252 -4.79 8.02 13.91
N GLY C 253 -5.91 7.59 14.46
CA GLY C 253 -7.12 8.40 14.38
C GLY C 253 -7.66 8.43 12.94
N GLY C 254 -7.29 7.40 12.15
CA GLY C 254 -7.67 7.35 10.75
C GLY C 254 -6.75 8.01 9.69
N GLN C 255 -5.69 8.70 10.12
CA GLN C 255 -4.78 9.34 9.12
C GLN C 255 -4.38 8.52 7.91
N ASN C 256 -4.12 7.22 8.10
CA ASN C 256 -3.52 6.45 7.01
C ASN C 256 -4.60 6.03 6.02
N ALA C 257 -5.84 6.05 6.51
CA ALA C 257 -6.95 5.47 5.77
C ALA C 257 -7.45 6.37 4.62
N GLY C 258 -7.31 7.68 4.71
CA GLY C 258 -7.77 8.53 3.62
C GLY C 258 -7.60 10.03 3.85
N ARG C 259 -8.26 10.85 3.02
CA ARG C 259 -8.10 12.31 3.10
C ARG C 259 -9.29 12.96 3.82
N TRP C 260 -8.98 13.73 4.85
CA TRP C 260 -9.98 14.42 5.65
C TRP C 260 -9.81 15.97 5.57
N ARG D 25 16.43 25.45 -29.23
CA ARG D 25 17.56 24.61 -28.71
C ARG D 25 18.32 25.17 -27.47
N ASN D 26 18.40 26.49 -27.35
CA ASN D 26 18.59 27.10 -26.04
C ASN D 26 17.26 27.09 -25.31
N GLN D 27 16.25 26.54 -25.98
CA GLN D 27 14.94 26.36 -25.39
C GLN D 27 14.77 25.03 -24.67
N GLN D 28 15.65 24.07 -24.92
CA GLN D 28 15.52 22.74 -24.37
C GLN D 28 15.63 22.68 -22.84
N LYS D 29 14.89 21.75 -22.27
CA LYS D 29 14.89 21.52 -20.84
C LYS D 29 16.18 20.80 -20.51
N VAL D 30 16.64 21.01 -19.29
CA VAL D 30 17.87 20.41 -18.79
C VAL D 30 17.55 19.41 -17.68
N VAL D 31 18.04 18.20 -17.87
CA VAL D 31 17.97 17.19 -16.82
C VAL D 31 19.33 16.89 -16.17
N VAL D 32 19.32 16.74 -14.84
CA VAL D 32 20.50 16.28 -14.16
C VAL D 32 20.32 14.76 -13.85
N ILE D 33 21.18 13.91 -14.39
CA ILE D 33 21.14 12.50 -14.10
C ILE D 33 22.39 12.08 -13.28
N THR D 34 22.17 11.50 -12.11
CA THR D 34 23.23 10.88 -11.30
C THR D 34 23.37 9.36 -11.55
N GLY D 35 24.46 8.76 -11.05
CA GLY D 35 24.88 7.42 -11.54
C GLY D 35 24.82 7.28 -13.07
N ALA D 36 25.27 8.30 -13.80
CA ALA D 36 25.09 8.33 -15.25
C ALA D 36 26.06 7.45 -16.03
N SER D 37 27.02 6.85 -15.35
CA SER D 37 28.02 6.03 -16.03
C SER D 37 27.52 4.59 -16.14
N GLN D 38 26.77 4.14 -15.12
CA GLN D 38 26.20 2.77 -15.07
C GLN D 38 25.29 2.43 -16.28
N GLY D 39 24.83 1.18 -16.32
CA GLY D 39 23.97 0.68 -17.38
C GLY D 39 22.62 1.39 -17.59
N ILE D 40 21.89 1.68 -16.51
CA ILE D 40 20.62 2.43 -16.70
C ILE D 40 20.95 3.86 -17.01
N GLY D 41 22.04 4.32 -16.42
CA GLY D 41 22.57 5.68 -16.59
C GLY D 41 22.75 6.13 -18.02
N ALA D 42 23.47 5.34 -18.81
CA ALA D 42 23.76 5.72 -20.18
C ALA D 42 22.43 5.75 -20.94
N GLY D 43 21.65 4.71 -20.70
CA GLY D 43 20.36 4.53 -21.30
C GLY D 43 19.48 5.77 -21.09
N LEU D 44 19.44 6.28 -19.85
CA LEU D 44 18.78 7.52 -19.55
C LEU D 44 19.35 8.77 -20.24
N VAL D 45 20.68 8.92 -20.24
CA VAL D 45 21.34 10.00 -20.96
C VAL D 45 20.85 9.98 -22.42
N ARG D 46 20.97 8.83 -23.09
CA ARG D 46 20.57 8.68 -24.49
C ARG D 46 19.09 9.04 -24.78
N ALA D 47 18.20 8.53 -23.94
CA ALA D 47 16.78 8.72 -24.07
C ALA D 47 16.35 10.18 -23.78
N TYR D 48 16.91 10.82 -22.78
CA TYR D 48 16.64 12.25 -22.59
C TYR D 48 17.16 13.15 -23.75
N ARG D 49 18.38 12.90 -24.19
CA ARG D 49 18.86 13.47 -25.45
C ARG D 49 17.89 13.24 -26.63
N ASP D 50 17.42 12.01 -26.80
CA ASP D 50 16.47 11.70 -27.88
C ASP D 50 15.16 12.46 -27.75
N ARG D 51 14.85 12.98 -26.57
CA ARG D 51 13.59 13.68 -26.34
C ARG D 51 13.83 15.19 -26.13
N ASN D 52 15.00 15.64 -26.62
CA ASN D 52 15.32 17.06 -26.69
C ASN D 52 15.53 17.70 -25.34
N TYR D 53 16.21 16.99 -24.48
CA TYR D 53 16.71 17.56 -23.28
C TYR D 53 18.21 17.62 -23.42
N ARG D 54 18.78 18.69 -22.87
CA ARG D 54 20.21 18.78 -22.60
C ARG D 54 20.51 18.10 -21.23
N VAL D 55 21.65 17.46 -21.10
CA VAL D 55 21.95 16.65 -19.93
C VAL D 55 23.17 17.13 -19.18
N VAL D 56 23.06 17.22 -17.88
CA VAL D 56 24.20 17.26 -16.99
C VAL D 56 24.37 15.86 -16.37
N ALA D 57 25.43 15.14 -16.75
CA ALA D 57 25.59 13.75 -16.35
C ALA D 57 26.73 13.63 -15.36
N THR D 58 26.49 12.85 -14.30
CA THR D 58 27.39 12.76 -13.15
C THR D 58 27.65 11.37 -12.67
N SER D 59 28.91 11.14 -12.35
CA SER D 59 29.36 9.88 -11.87
C SER D 59 30.61 10.04 -11.05
N ARG D 60 30.97 8.99 -10.32
CA ARG D 60 32.26 8.95 -9.63
C ARG D 60 33.38 9.21 -10.64
N SER D 61 33.22 8.69 -11.85
CA SER D 61 34.30 8.35 -12.78
C SER D 61 34.13 8.94 -14.20
N ILE D 62 32.98 9.56 -14.44
CA ILE D 62 32.53 9.96 -15.76
C ILE D 62 33.57 10.80 -16.50
N LYS D 63 33.77 10.46 -17.77
CA LYS D 63 34.65 11.23 -18.65
C LYS D 63 33.89 12.18 -19.58
N PRO D 64 34.50 13.35 -19.94
CA PRO D 64 33.87 14.35 -20.84
C PRO D 64 33.38 13.79 -22.16
N SER D 65 32.40 14.43 -22.77
CA SER D 65 31.74 13.87 -23.96
C SER D 65 31.88 14.72 -25.24
N ALA D 66 31.96 14.05 -26.41
CA ALA D 66 31.90 14.75 -27.71
C ALA D 66 30.65 15.66 -27.82
N ASP D 67 29.47 15.08 -27.54
CA ASP D 67 28.19 15.81 -27.59
C ASP D 67 28.20 17.17 -26.83
N PRO D 68 28.00 18.27 -27.56
CA PRO D 68 28.01 19.58 -26.88
C PRO D 68 26.75 19.83 -26.00
N ASP D 69 25.73 18.97 -26.10
CA ASP D 69 24.59 19.10 -25.19
C ASP D 69 24.60 18.14 -23.99
N ILE D 70 25.71 17.42 -23.82
CA ILE D 70 25.95 16.58 -22.65
C ILE D 70 27.14 17.13 -21.90
N HIS D 71 26.89 17.82 -20.78
CA HIS D 71 27.95 18.25 -19.86
C HIS D 71 28.23 17.26 -18.72
N THR D 72 29.43 16.69 -18.68
CA THR D 72 29.71 15.77 -17.60
C THR D 72 30.40 16.44 -16.45
N VAL D 73 30.20 15.89 -15.25
CA VAL D 73 30.74 16.45 -14.01
C VAL D 73 31.12 15.26 -13.19
N ALA D 74 32.37 15.17 -12.73
CA ALA D 74 32.78 13.98 -11.96
C ALA D 74 32.91 14.33 -10.48
N GLY D 75 32.52 13.40 -9.61
CA GLY D 75 32.50 13.70 -8.19
C GLY D 75 31.86 12.61 -7.38
N ASP D 76 32.07 12.69 -6.07
CA ASP D 76 31.52 11.72 -5.15
C ASP D 76 30.16 12.26 -4.76
N ILE D 77 29.09 11.58 -5.21
CA ILE D 77 27.74 12.12 -5.05
C ILE D 77 27.31 12.28 -3.58
N SER D 78 27.94 11.56 -2.68
CA SER D 78 27.63 11.70 -1.27
C SER D 78 28.19 12.94 -0.59
N LYS D 79 28.91 13.77 -1.34
CA LYS D 79 29.55 14.94 -0.75
C LYS D 79 28.80 16.24 -1.08
N PRO D 80 28.28 16.95 -0.06
CA PRO D 80 27.56 18.22 -0.29
C PRO D 80 28.22 19.10 -1.37
N GLU D 81 29.56 19.07 -1.41
CA GLU D 81 30.35 19.85 -2.37
C GLU D 81 30.05 19.45 -3.80
N THR D 82 29.97 18.14 -4.03
CA THR D 82 29.64 17.62 -5.36
C THR D 82 28.31 18.19 -5.87
N ALA D 83 27.28 18.18 -5.04
CA ALA D 83 25.97 18.71 -5.41
C ALA D 83 26.02 20.20 -5.80
N ASP D 84 26.71 20.97 -4.97
CA ASP D 84 26.98 22.37 -5.24
C ASP D 84 27.60 22.55 -6.63
N ARG D 85 28.55 21.68 -6.99
CA ARG D 85 29.17 21.71 -8.32
C ARG D 85 28.25 21.34 -9.46
N ILE D 86 27.51 20.25 -9.30
CA ILE D 86 26.62 19.80 -10.37
C ILE D 86 25.73 20.96 -10.81
N VAL D 87 25.05 21.61 -9.87
CA VAL D 87 24.02 22.53 -10.27
C VAL D 87 24.64 23.80 -10.80
N ARG D 88 25.62 24.34 -10.04
CA ARG D 88 26.40 25.50 -10.48
C ARG D 88 26.93 25.34 -11.90
N GLU D 89 27.62 24.24 -12.16
CA GLU D 89 28.16 24.01 -13.49
C GLU D 89 27.06 23.83 -14.56
N GLY D 90 25.91 23.30 -14.15
CA GLY D 90 24.76 23.13 -15.04
C GLY D 90 24.09 24.44 -15.38
N ILE D 91 23.88 25.32 -14.41
CA ILE D 91 23.31 26.64 -14.66
C ILE D 91 24.23 27.46 -15.61
N GLU D 92 25.53 27.48 -15.27
CA GLU D 92 26.53 28.17 -16.09
C GLU D 92 26.54 27.67 -17.52
N ARG D 93 26.50 26.37 -17.69
CA ARG D 93 26.54 25.82 -19.02
C ARG D 93 25.21 26.00 -19.77
N PHE D 94 24.07 25.66 -19.18
CA PHE D 94 22.81 25.57 -19.97
C PHE D 94 21.78 26.63 -19.61
N GLY D 95 21.95 27.29 -18.47
CA GLY D 95 21.04 28.35 -18.07
C GLY D 95 19.89 27.99 -17.13
N ARG D 96 19.71 26.69 -16.85
CA ARG D 96 18.60 26.19 -16.04
C ARG D 96 18.72 24.70 -15.75
N ILE D 97 17.85 24.22 -14.85
CA ILE D 97 17.72 22.80 -14.42
C ILE D 97 16.23 22.56 -14.28
N ASP D 98 15.69 21.55 -14.96
CA ASP D 98 14.24 21.29 -15.01
C ASP D 98 13.88 19.93 -14.38
N SER D 99 14.73 18.94 -14.57
CA SER D 99 14.51 17.60 -14.10
C SER D 99 15.70 17.02 -13.34
N LEU D 100 15.45 16.01 -12.54
CA LEU D 100 16.51 15.31 -11.83
C LEU D 100 16.13 13.87 -11.79
N VAL D 101 17.04 13.01 -12.23
CA VAL D 101 16.91 11.59 -12.09
C VAL D 101 17.96 11.10 -11.11
N ASN D 102 17.51 10.74 -9.90
CA ASN D 102 18.44 10.17 -8.90
C ASN D 102 18.73 8.68 -9.19
N ASN D 103 19.85 8.41 -9.85
CA ASN D 103 20.13 7.01 -10.20
C ASN D 103 21.45 6.43 -9.60
N ALA D 104 22.11 7.25 -8.79
CA ALA D 104 23.29 6.84 -8.05
C ALA D 104 22.79 5.85 -6.97
N GLY D 105 23.48 4.75 -6.75
CA GLY D 105 22.96 3.73 -5.85
C GLY D 105 23.93 2.58 -5.68
N VAL D 106 23.97 2.03 -4.47
CA VAL D 106 24.62 0.76 -4.27
C VAL D 106 23.64 -0.23 -3.67
N PHE D 107 23.88 -1.48 -3.98
CA PHE D 107 23.14 -2.56 -3.41
C PHE D 107 24.15 -3.47 -2.75
N LEU D 108 23.75 -4.01 -1.61
CA LEU D 108 24.46 -5.03 -0.84
C LEU D 108 23.45 -6.10 -0.32
N ALA D 109 23.67 -7.37 -0.69
CA ALA D 109 22.97 -8.55 -0.15
C ALA D 109 23.85 -9.16 0.91
N LYS D 110 23.43 -9.12 2.16
CA LYS D 110 24.24 -9.65 3.25
C LYS D 110 23.35 -9.89 4.47
N PRO D 111 23.62 -10.95 5.23
CA PRO D 111 22.80 -11.11 6.47
C PRO D 111 22.92 -9.88 7.34
N PHE D 112 21.79 -9.46 7.89
CA PHE D 112 21.71 -8.27 8.70
C PHE D 112 22.67 -8.29 9.85
N VAL D 113 22.82 -9.43 10.52
CA VAL D 113 23.70 -9.48 11.66
C VAL D 113 25.18 -9.42 11.28
N GLU D 114 25.48 -9.67 10.01
CA GLU D 114 26.89 -9.64 9.54
C GLU D 114 27.34 -8.26 9.03
N THR D 116 28.57 -4.48 8.73
CA THR D 116 29.60 -3.77 9.50
C THR D 116 29.34 -2.29 9.43
N GLN D 117 29.96 -1.54 10.33
CA GLN D 117 29.94 -0.09 10.26
C GLN D 117 30.32 0.45 8.85
N GLU D 118 31.24 -0.22 8.17
CA GLU D 118 31.62 0.10 6.78
C GLU D 118 30.46 -0.09 5.76
N ASP D 119 29.75 -1.20 5.82
CA ASP D 119 28.51 -1.41 5.02
C ASP D 119 27.44 -0.30 5.24
N TYR D 120 27.29 0.09 6.49
CA TYR D 120 26.39 1.15 6.88
C TYR D 120 26.78 2.50 6.27
N ASP D 121 28.00 2.97 6.54
CA ASP D 121 28.44 4.30 6.11
C ASP D 121 28.38 4.35 4.61
N HIS D 122 28.72 3.27 3.94
CA HIS D 122 28.73 3.21 2.49
C HIS D 122 27.29 3.32 1.91
N ASN D 123 26.33 2.55 2.43
CA ASN D 123 24.98 2.69 1.92
C ASN D 123 24.32 4.03 2.27
N LEU D 124 24.58 4.55 3.46
CA LEU D 124 23.99 5.80 3.87
C LEU D 124 24.62 6.99 3.14
N GLY D 125 25.87 6.84 2.74
CA GLY D 125 26.50 7.82 1.89
C GLY D 125 25.90 7.86 0.48
N VAL D 126 25.89 6.73 -0.20
CA VAL D 126 25.50 6.76 -1.57
C VAL D 126 24.00 6.85 -1.67
N ASN D 127 23.27 5.99 -0.96
CA ASN D 127 21.81 5.91 -1.21
C ASN D 127 21.04 7.01 -0.54
N VAL D 128 21.58 7.58 0.52
CA VAL D 128 20.82 8.59 1.22
C VAL D 128 21.33 10.02 1.07
N ALA D 129 22.57 10.27 1.47
CA ALA D 129 23.16 11.59 1.27
C ALA D 129 23.31 11.93 -0.24
N GLY D 130 23.52 10.93 -1.09
CA GLY D 130 23.64 11.20 -2.52
C GLY D 130 22.32 11.47 -3.26
N PHE D 131 21.22 11.23 -2.54
CA PHE D 131 19.88 11.65 -2.96
C PHE D 131 19.70 13.05 -2.43
N PHE D 132 19.99 13.21 -1.15
CA PHE D 132 19.53 14.33 -0.42
C PHE D 132 20.13 15.64 -0.88
N HIS D 133 21.45 15.67 -0.95
CA HIS D 133 22.17 16.84 -1.44
C HIS D 133 21.83 17.32 -2.85
N ILE D 134 21.91 16.55 -3.94
CA ILE D 134 21.54 17.25 -5.18
C ILE D 134 20.06 17.58 -5.18
N THR D 135 19.25 16.72 -4.57
CA THR D 135 17.82 16.90 -4.61
C THR D 135 17.45 18.24 -3.99
N GLN D 136 18.11 18.57 -2.88
CA GLN D 136 17.95 19.87 -2.26
C GLN D 136 18.34 20.97 -3.24
N ARG D 137 19.56 20.91 -3.80
CA ARG D 137 20.06 21.97 -4.72
C ARG D 137 19.27 22.08 -5.98
N ALA D 138 18.98 20.94 -6.63
CA ALA D 138 18.12 20.95 -7.82
C ALA D 138 16.74 21.50 -7.53
N ALA D 139 16.24 21.27 -6.32
CA ALA D 139 14.84 21.67 -6.02
C ALA D 139 14.76 23.16 -5.84
N ALA D 140 15.76 23.74 -5.17
CA ALA D 140 15.91 25.20 -5.12
C ALA D 140 15.75 25.80 -6.53
N GLU D 141 16.49 25.30 -7.50
CA GLU D 141 16.43 25.84 -8.85
C GLU D 141 15.05 25.73 -9.48
N LEU D 143 12.10 25.31 -7.76
CA LEU D 143 11.09 26.06 -7.00
C LEU D 143 11.03 27.50 -7.46
N LYS D 144 12.19 28.00 -7.83
CA LYS D 144 12.35 29.37 -8.25
C LYS D 144 11.87 29.53 -9.68
N GLN D 145 11.96 28.48 -10.52
CA GLN D 145 11.35 28.54 -11.86
C GLN D 145 9.83 28.23 -11.86
N GLY D 146 9.26 27.78 -10.74
CA GLY D 146 7.88 27.28 -10.72
C GLY D 146 7.62 26.02 -11.56
N SER D 147 8.64 25.18 -11.71
CA SER D 147 8.43 24.05 -12.60
C SER D 147 9.53 23.01 -12.44
N GLY D 148 9.19 21.72 -12.57
CA GLY D 148 10.18 20.65 -12.47
C GLY D 148 9.66 19.25 -12.21
N HIS D 149 10.59 18.30 -12.28
CA HIS D 149 10.40 16.87 -12.14
C HIS D 149 11.63 16.20 -11.46
N ILE D 150 11.42 15.62 -10.27
CA ILE D 150 12.39 14.77 -9.56
C ILE D 150 11.90 13.34 -9.67
N VAL D 151 12.73 12.42 -10.17
CA VAL D 151 12.39 10.99 -10.21
C VAL D 151 13.59 10.32 -9.60
N SER D 152 13.36 9.33 -8.75
CA SER D 152 14.38 8.59 -8.10
C SER D 152 14.23 7.13 -8.51
N ILE D 153 15.33 6.40 -8.61
CA ILE D 153 15.21 5.01 -8.97
C ILE D 153 15.37 4.24 -7.71
N THR D 154 14.38 3.40 -7.40
CA THR D 154 14.31 2.76 -6.11
C THR D 154 14.44 1.23 -6.29
N THR D 155 13.72 0.42 -5.51
CA THR D 155 13.76 -1.02 -5.72
C THR D 155 12.52 -1.67 -5.21
N SER D 156 12.05 -2.67 -5.96
CA SER D 156 10.86 -3.41 -5.56
C SER D 156 11.07 -4.13 -4.24
N LEU D 157 12.33 -4.28 -3.80
CA LEU D 157 12.61 -4.83 -2.44
C LEU D 157 12.00 -4.04 -1.28
N VAL D 158 11.78 -2.74 -1.46
CA VAL D 158 11.18 -1.93 -0.42
C VAL D 158 9.77 -2.42 0.00
N ASP D 159 8.91 -2.64 -0.98
CA ASP D 159 7.50 -2.90 -0.78
C ASP D 159 7.30 -4.39 -0.65
N GLN D 160 8.20 -5.14 -1.29
CA GLN D 160 8.12 -6.60 -1.36
C GLN D 160 9.52 -7.25 -1.12
N PRO D 161 9.99 -7.26 0.12
CA PRO D 161 11.31 -7.92 0.32
C PRO D 161 11.18 -9.43 0.21
N VAL D 163 12.48 -13.39 1.45
CA VAL D 163 13.21 -14.48 2.07
C VAL D 163 14.25 -14.99 1.08
N GLY D 164 15.53 -15.00 1.49
CA GLY D 164 16.62 -15.52 0.66
C GLY D 164 17.40 -14.41 -0.01
N PRO D 166 18.66 -11.31 1.71
CA PRO D 166 18.80 -10.40 2.78
C PRO D 166 19.50 -9.10 2.34
N SER D 167 18.82 -7.97 2.56
CA SER D 167 19.28 -6.67 2.14
C SER D 167 18.57 -5.63 2.98
N ALA D 168 18.78 -5.69 4.28
CA ALA D 168 18.19 -4.74 5.19
C ALA D 168 18.62 -3.29 4.87
N LEU D 169 19.88 -3.09 4.50
CA LEU D 169 20.34 -1.73 4.14
C LEU D 169 19.67 -1.17 2.87
N ALA D 170 19.25 -2.05 1.95
CA ALA D 170 18.53 -1.60 0.75
C ALA D 170 17.11 -1.06 1.12
N SER D 171 16.35 -1.85 1.88
CA SER D 171 15.04 -1.48 2.38
C SER D 171 15.09 -0.21 3.18
N LEU D 172 16.12 -0.07 4.03
CA LEU D 172 16.23 1.09 4.90
C LEU D 172 16.38 2.33 4.03
N THR D 173 17.33 2.21 3.15
CA THR D 173 17.87 3.27 2.36
C THR D 173 16.91 3.65 1.18
N LYS D 174 16.45 2.65 0.41
CA LYS D 174 15.51 2.88 -0.65
C LYS D 174 14.08 3.13 -0.13
N GLY D 175 13.71 2.55 1.00
CA GLY D 175 12.38 2.75 1.56
C GLY D 175 12.16 4.18 2.03
N GLY D 176 13.25 4.81 2.46
CA GLY D 176 13.27 6.19 2.84
C GLY D 176 13.09 7.03 1.61
N LEU D 177 13.67 6.61 0.47
CA LEU D 177 13.45 7.33 -0.81
C LEU D 177 12.02 7.25 -1.32
N ASN D 178 11.35 6.09 -1.20
CA ASN D 178 9.90 6.00 -1.50
C ASN D 178 9.09 6.96 -0.65
N ALA D 179 9.35 6.93 0.63
CA ALA D 179 8.54 7.72 1.49
C ALA D 179 8.83 9.23 1.26
N VAL D 180 10.07 9.61 1.03
CA VAL D 180 10.36 11.02 0.87
C VAL D 180 9.92 11.55 -0.51
N THR D 181 9.80 10.64 -1.49
CA THR D 181 9.15 10.93 -2.79
C THR D 181 7.71 11.42 -2.54
N ARG D 182 6.96 10.68 -1.73
CA ARG D 182 5.57 11.06 -1.46
C ARG D 182 5.53 12.37 -0.64
N SER D 183 6.47 12.51 0.28
CA SER D 183 6.47 13.65 1.16
C SER D 183 6.72 14.95 0.41
N LEU D 184 7.78 14.97 -0.41
CA LEU D 184 8.14 16.10 -1.28
C LEU D 184 7.06 16.35 -2.31
N ALA D 185 6.37 15.30 -2.77
CA ALA D 185 5.24 15.50 -3.72
C ALA D 185 4.22 16.42 -3.09
N GLU D 187 4.89 18.39 -0.38
CA GLU D 187 5.45 19.65 0.02
C GLU D 187 5.51 20.61 -1.18
N PHE D 188 5.80 20.08 -2.37
CA PHE D 188 5.95 20.88 -3.59
C PHE D 188 4.68 20.91 -4.44
N SER D 189 3.60 20.43 -3.85
CA SER D 189 2.33 20.26 -4.51
C SER D 189 1.81 21.47 -5.32
N ARG D 190 1.80 22.65 -4.70
CA ARG D 190 1.35 23.84 -5.39
C ARG D 190 2.49 24.64 -6.09
N SER D 191 3.67 24.05 -6.27
CA SER D 191 4.82 24.80 -6.75
C SER D 191 5.21 24.47 -8.13
N GLY D 192 4.41 23.65 -8.78
CA GLY D 192 4.82 23.15 -10.06
C GLY D 192 5.87 22.04 -10.10
N VAL D 193 6.44 21.61 -8.98
CA VAL D 193 7.47 20.53 -9.03
C VAL D 193 6.85 19.17 -8.73
N ARG D 194 7.00 18.22 -9.62
CA ARG D 194 6.46 16.87 -9.43
C ARG D 194 7.60 15.94 -9.00
N VAL D 195 7.26 14.99 -8.10
CA VAL D 195 8.21 14.09 -7.46
C VAL D 195 7.71 12.67 -7.55
N ASN D 196 8.48 11.80 -8.23
CA ASN D 196 8.07 10.43 -8.53
C ASN D 196 9.25 9.47 -8.30
N ALA D 197 8.95 8.15 -8.44
CA ALA D 197 9.88 7.07 -8.24
C ALA D 197 9.52 5.92 -9.16
N VAL D 198 10.53 5.21 -9.62
CA VAL D 198 10.36 4.05 -10.44
C VAL D 198 11.05 2.99 -9.66
N SER D 199 10.31 1.91 -9.39
CA SER D 199 10.86 0.80 -8.62
C SER D 199 11.01 -0.45 -9.49
N PRO D 200 12.25 -0.72 -9.96
CA PRO D 200 12.48 -1.87 -10.84
C PRO D 200 12.66 -3.17 -10.09
N GLY D 201 12.45 -4.26 -10.83
CA GLY D 201 12.95 -5.56 -10.47
C GLY D 201 14.40 -5.67 -10.93
N VAL D 202 14.82 -6.91 -11.18
CA VAL D 202 16.20 -7.17 -11.53
C VAL D 202 16.36 -6.92 -13.02
N ILE D 203 17.28 -6.00 -13.31
CA ILE D 203 17.50 -5.47 -14.65
C ILE D 203 18.81 -6.03 -15.21
N LYS D 204 18.74 -6.63 -16.40
CA LYS D 204 19.93 -7.17 -17.04
C LYS D 204 20.93 -6.05 -17.32
N THR D 205 22.06 -6.08 -16.63
CA THR D 205 23.22 -5.25 -17.02
C THR D 205 24.39 -6.20 -17.42
N PRO D 206 25.41 -5.65 -18.15
CA PRO D 206 26.76 -6.30 -18.23
C PRO D 206 27.30 -6.80 -16.85
N HIS D 208 25.96 -8.00 -14.48
CA HIS D 208 25.29 -9.25 -14.06
C HIS D 208 25.77 -10.40 -14.95
N PRO D 209 26.61 -11.29 -14.40
CA PRO D 209 27.19 -12.41 -15.16
C PRO D 209 26.14 -13.32 -15.82
N ALA D 210 26.42 -13.72 -17.06
CA ALA D 210 25.52 -14.53 -17.86
C ALA D 210 25.01 -15.78 -17.13
N GLU D 211 25.88 -16.42 -16.34
CA GLU D 211 25.52 -17.64 -15.60
C GLU D 211 24.35 -17.47 -14.61
N THR D 212 24.22 -16.25 -14.08
CA THR D 212 23.22 -15.95 -13.04
C THR D 212 21.81 -15.65 -13.57
N HIS D 213 21.58 -15.73 -14.87
CA HIS D 213 20.30 -15.28 -15.43
C HIS D 213 19.08 -16.23 -15.20
N SER D 214 19.30 -17.54 -15.14
CA SER D 214 18.16 -18.45 -14.91
C SER D 214 17.51 -18.13 -13.55
N THR D 215 18.35 -17.86 -12.54
CA THR D 215 17.82 -17.75 -11.19
C THR D 215 17.28 -16.37 -10.88
N LEU D 216 17.96 -15.36 -11.45
CA LEU D 216 17.51 -13.99 -11.39
C LEU D 216 16.17 -13.84 -12.12
N ALA D 217 16.00 -14.40 -13.31
CA ALA D 217 14.67 -14.44 -13.96
C ALA D 217 13.60 -14.92 -13.00
N GLY D 218 13.91 -16.01 -12.28
CA GLY D 218 12.97 -16.67 -11.35
C GLY D 218 12.57 -15.82 -10.18
N LEU D 219 13.26 -14.68 -10.01
CA LEU D 219 12.87 -13.70 -9.01
C LEU D 219 11.65 -12.86 -9.40
N HIS D 220 11.00 -13.13 -10.53
CA HIS D 220 9.89 -12.31 -10.97
C HIS D 220 8.80 -13.26 -11.36
N PRO D 221 7.55 -12.98 -10.97
CA PRO D 221 6.45 -13.87 -11.38
C PRO D 221 6.44 -14.14 -12.88
N VAL D 222 6.76 -13.16 -13.73
CA VAL D 222 6.72 -13.41 -15.18
C VAL D 222 7.86 -14.31 -15.68
N GLY D 223 8.91 -14.49 -14.87
CA GLY D 223 10.05 -15.35 -15.22
C GLY D 223 11.04 -14.78 -16.22
N ARG D 224 11.05 -13.46 -16.44
CA ARG D 224 12.11 -12.83 -17.23
C ARG D 224 12.80 -11.84 -16.36
N GLY D 226 14.28 -7.89 -16.15
CA GLY D 226 14.02 -6.62 -16.77
C GLY D 226 15.08 -6.26 -17.80
N GLU D 227 14.75 -5.30 -18.63
CA GLU D 227 15.64 -4.83 -19.64
C GLU D 227 15.82 -3.37 -19.29
N ILE D 228 16.95 -2.76 -19.65
CA ILE D 228 17.16 -1.34 -19.40
C ILE D 228 16.04 -0.48 -20.02
N ARG D 229 15.60 -0.80 -21.24
CA ARG D 229 14.54 -0.02 -21.93
C ARG D 229 13.24 0.05 -21.07
N ASP D 230 12.87 -1.05 -20.43
CA ASP D 230 11.77 -1.08 -19.48
C ASP D 230 11.79 0.08 -18.45
N VAL D 231 12.91 0.27 -17.76
CA VAL D 231 13.05 1.29 -16.73
C VAL D 231 13.15 2.70 -17.33
N VAL D 232 13.91 2.83 -18.42
CA VAL D 232 14.14 4.11 -19.05
C VAL D 232 12.79 4.62 -19.57
N ASP D 233 12.00 3.74 -20.17
CA ASP D 233 10.65 4.11 -20.62
C ASP D 233 9.74 4.59 -19.51
N ALA D 234 9.85 3.98 -18.34
CA ALA D 234 9.05 4.39 -17.17
C ALA D 234 9.46 5.81 -16.72
N VAL D 235 10.72 6.15 -16.90
CA VAL D 235 11.17 7.39 -16.38
C VAL D 235 10.65 8.44 -17.32
N LEU D 236 10.73 8.14 -18.62
CA LEU D 236 10.33 9.10 -19.65
C LEU D 236 8.80 9.27 -19.72
N TYR D 237 8.07 8.21 -19.36
CA TYR D 237 6.66 8.30 -19.27
C TYR D 237 6.37 9.33 -18.15
N LEU D 238 7.02 9.17 -16.99
CA LEU D 238 6.73 10.08 -15.88
C LEU D 238 7.20 11.53 -16.14
N GLU D 239 8.33 11.67 -16.82
CA GLU D 239 8.77 12.96 -17.27
C GLU D 239 7.66 13.73 -18.04
N HIS D 240 6.88 13.04 -18.88
CA HIS D 240 5.93 13.69 -19.76
C HIS D 240 4.46 13.63 -19.25
N ALA D 241 4.27 13.03 -18.08
CA ALA D 241 2.93 12.79 -17.56
C ALA D 241 2.60 13.83 -16.53
N GLY D 242 2.08 14.98 -16.99
CA GLY D 242 1.98 16.18 -16.18
C GLY D 242 0.98 16.15 -15.05
N PHE D 243 0.21 15.07 -14.96
CA PHE D 243 -0.77 14.98 -13.86
C PHE D 243 -0.30 13.97 -12.77
N ILE D 244 0.93 13.46 -12.92
CA ILE D 244 1.46 12.43 -11.98
C ILE D 244 2.52 12.98 -11.05
N THR D 245 2.21 13.03 -9.74
CA THR D 245 3.16 13.18 -8.64
C THR D 245 2.90 12.23 -7.47
N GLY D 246 3.98 11.95 -6.75
CA GLY D 246 3.97 11.17 -5.57
C GLY D 246 3.80 9.73 -5.99
N GLU D 247 4.02 9.41 -7.25
CA GLU D 247 3.70 8.08 -7.66
C GLU D 247 4.92 7.17 -7.59
N ILE D 248 4.74 5.96 -7.05
CA ILE D 248 5.77 4.90 -7.15
C ILE D 248 5.39 3.94 -8.27
N LEU D 249 6.11 3.91 -9.38
CA LEU D 249 5.68 3.05 -10.49
C LEU D 249 6.52 1.78 -10.54
N HIS D 250 5.91 0.62 -10.34
CA HIS D 250 6.64 -0.64 -10.33
C HIS D 250 6.82 -1.21 -11.72
N VAL D 251 8.08 -1.48 -12.05
CA VAL D 251 8.48 -2.05 -13.33
C VAL D 251 9.30 -3.32 -12.98
N ASP D 252 8.59 -4.36 -12.54
CA ASP D 252 9.23 -5.37 -11.75
C ASP D 252 8.74 -6.75 -12.13
N GLY D 253 8.19 -6.90 -13.33
CA GLY D 253 7.64 -8.16 -13.76
C GLY D 253 6.63 -8.86 -12.85
N GLY D 254 5.89 -8.10 -12.05
CA GLY D 254 4.92 -8.69 -11.14
C GLY D 254 5.38 -8.70 -9.69
N GLN D 255 6.64 -8.41 -9.41
CA GLN D 255 7.11 -8.61 -8.02
C GLN D 255 6.21 -8.07 -6.88
N ASN D 256 5.84 -6.79 -7.00
CA ASN D 256 5.00 -6.13 -6.00
C ASN D 256 3.54 -6.61 -5.93
N ALA D 257 3.05 -7.23 -7.00
CA ALA D 257 1.63 -7.60 -7.08
C ALA D 257 1.19 -8.77 -6.14
N GLY D 258 2.12 -9.66 -5.79
CA GLY D 258 1.82 -10.84 -4.96
C GLY D 258 3.00 -11.80 -4.81
N ARG D 259 2.72 -12.96 -4.23
CA ARG D 259 3.73 -13.96 -3.96
C ARG D 259 3.72 -15.07 -5.00
N TRP D 260 4.88 -15.28 -5.56
CA TRP D 260 5.10 -16.33 -6.54
C TRP D 260 6.16 -17.28 -6.05
#